data_5ELE
#
_entry.id   5ELE
#
_cell.length_a   63.543
_cell.length_b   82.973
_cell.length_c   196.555
_cell.angle_alpha   90.00
_cell.angle_beta   90.00
_cell.angle_gamma   90.00
#
_symmetry.space_group_name_H-M   'P 21 21 21'
#
loop_
_entity.id
_entity.type
_entity.pdbx_description
1 polymer 'Cholera enterotoxin subunit B'
2 branched alpha-L-fucopyranose-(1-2)-[2-acetamido-2-deoxy-alpha-D-galactopyranose-(1-3)]beta-D-galactopyranose-(1-4)-[alpha-L-fucopyranose-(1-3)]2-acetamido-2-deoxy-alpha-D-glucopyranose
3 non-polymer 'CALCIUM ION'
4 non-polymer alpha-L-fucopyranose
5 non-polymer BICINE
6 non-polymer 'PENTAETHYLENE GLYCOL'
7 non-polymer 2-acetamido-2-deoxy-beta-D-glucopyranose
8 water water
#
_entity_poly.entity_id   1
_entity_poly.type   'polypeptide(L)'
_entity_poly.pdbx_seq_one_letter_code
;TPQNITDLCAEYHNTQIYTLNDKIFSYTESLAGKREMAIITFKNGAIFQVEVPGSQHIDSQKKAIERMKDTLRIAYLTEA
KVEKLCVWNNKTPHAIAAISMAN
;
_entity_poly.pdbx_strand_id   A,B,C,D,E,F,G,H,I,J
#
loop_
_chem_comp.id
_chem_comp.type
_chem_comp.name
_chem_comp.formula
1PE non-polymer 'PENTAETHYLENE GLYCOL' 'C10 H22 O6'
A2G D-saccharide, alpha linking 2-acetamido-2-deoxy-alpha-D-galactopyranose 'C8 H15 N O6'
BCN non-polymer BICINE 'C6 H13 N O4'
CA non-polymer 'CALCIUM ION' 'Ca 2'
FUC L-saccharide, alpha linking alpha-L-fucopyranose 'C6 H12 O5'
GAL D-saccharide, beta linking beta-D-galactopyranose 'C6 H12 O6'
NAG D-saccharide, beta linking 2-acetamido-2-deoxy-beta-D-glucopyranose 'C8 H15 N O6'
NDG D-saccharide, alpha linking 2-acetamido-2-deoxy-alpha-D-glucopyranose 'C8 H15 N O6'
#
# COMPACT_ATOMS: atom_id res chain seq x y z
N THR A 1 36.64 7.76 5.88
CA THR A 1 35.18 7.97 5.92
C THR A 1 34.57 6.84 6.70
N PRO A 2 33.63 7.14 7.61
CA PRO A 2 33.00 6.10 8.41
C PRO A 2 32.11 5.14 7.61
N GLN A 3 31.92 3.93 8.12
CA GLN A 3 31.11 2.92 7.43
C GLN A 3 29.80 2.65 8.06
N ASN A 4 29.56 3.32 9.18
CA ASN A 4 28.31 3.19 9.90
C ASN A 4 28.10 4.40 10.75
N ILE A 5 26.91 4.49 11.30
CA ILE A 5 26.51 5.64 12.07
C ILE A 5 27.29 5.75 13.41
N THR A 6 27.53 4.64 14.08
CA THR A 6 28.29 4.67 15.36
C THR A 6 29.69 5.27 15.17
N ASP A 7 30.44 4.80 14.19
CA ASP A 7 31.75 5.40 13.91
C ASP A 7 31.63 6.84 13.42
N LEU A 8 30.58 7.19 12.66
CA LEU A 8 30.43 8.60 12.26
C LEU A 8 30.19 9.48 13.50
N CYS A 9 29.37 8.98 14.40
CA CYS A 9 28.98 9.76 15.57
CA CYS A 9 28.98 9.69 15.62
C CYS A 9 30.20 10.02 16.48
N ALA A 10 31.07 9.04 16.58
CA ALA A 10 32.30 9.13 17.38
C ALA A 10 33.37 10.03 16.77
N GLU A 11 33.17 10.59 15.57
CA GLU A 11 34.06 11.65 15.01
C GLU A 11 33.80 13.07 15.55
N TYR A 12 32.76 13.23 16.36
CA TYR A 12 32.30 14.55 16.78
C TYR A 12 32.32 14.61 18.28
N HIS A 13 32.50 15.81 18.83
CA HIS A 13 32.26 16.04 20.25
C HIS A 13 30.80 16.31 20.53
N ASN A 14 30.43 16.00 21.77
CA ASN A 14 29.13 16.30 22.32
C ASN A 14 28.01 15.52 21.61
N THR A 15 28.33 14.29 21.19
CA THR A 15 27.34 13.41 20.57
C THR A 15 27.25 12.08 21.30
N GLN A 16 26.12 11.42 21.13
CA GLN A 16 26.01 10.04 21.51
C GLN A 16 24.97 9.38 20.61
N ILE A 17 24.99 8.05 20.66
CA ILE A 17 24.08 7.24 19.90
C ILE A 17 22.91 6.85 20.78
N TYR A 18 21.68 7.04 20.28
CA TYR A 18 20.52 6.37 20.87
C TYR A 18 20.13 5.23 19.94
N THR A 19 19.89 4.06 20.52
CA THR A 19 19.42 2.91 19.80
C THR A 19 17.90 2.82 20.11
N LEU A 20 17.07 3.17 19.13
CA LEU A 20 15.61 3.12 19.31
C LEU A 20 15.01 1.80 18.87
N ASN A 21 15.45 1.30 17.73
CA ASN A 21 14.77 0.14 17.16
C ASN A 21 13.25 0.23 17.22
N ASP A 22 12.71 1.36 16.77
CA ASP A 22 11.29 1.57 16.81
C ASP A 22 10.88 2.65 15.83
N LYS A 23 9.63 2.61 15.43
CA LYS A 23 9.04 3.65 14.58
CA LYS A 23 9.13 3.66 14.55
C LYS A 23 8.96 4.96 15.35
N ILE A 24 8.86 6.07 14.62
CA ILE A 24 8.59 7.40 15.18
C ILE A 24 7.14 7.45 15.65
N PHE A 25 6.94 7.79 16.91
CA PHE A 25 5.62 7.90 17.51
C PHE A 25 4.88 9.20 17.09
N SER A 26 5.58 10.35 17.07
CA SER A 26 4.98 11.61 16.66
C SER A 26 5.98 12.44 15.86
N TYR A 27 5.45 13.19 14.88
CA TYR A 27 6.23 14.06 14.00
C TYR A 27 5.58 15.45 14.11
N THR A 28 6.41 16.45 14.46
CA THR A 28 5.94 17.82 14.60
C THR A 28 6.83 18.65 13.69
N GLU A 29 6.21 19.64 13.04
CA GLU A 29 6.92 20.52 12.14
C GLU A 29 6.42 21.96 12.32
N SER A 30 7.33 22.94 12.31
CA SER A 30 6.95 24.35 12.50
C SER A 30 7.55 25.25 11.40
N LEU A 31 6.74 26.20 10.89
CA LEU A 31 7.23 27.26 9.96
C LEU A 31 7.29 28.63 10.65
N ALA A 32 6.98 28.66 11.94
CA ALA A 32 6.90 29.93 12.71
C ALA A 32 8.34 30.54 12.77
N GLY A 33 8.40 31.86 12.68
CA GLY A 33 9.70 32.53 12.54
C GLY A 33 10.63 32.24 13.70
N LYS A 34 11.87 31.86 13.38
CA LYS A 34 12.90 31.49 14.37
C LYS A 34 12.68 30.12 15.03
N ARG A 35 11.56 29.47 14.71
CA ARG A 35 11.29 28.09 15.09
C ARG A 35 10.99 27.18 13.87
N GLU A 36 11.75 27.36 12.80
CA GLU A 36 11.62 26.54 11.58
C GLU A 36 12.33 25.22 11.81
N MET A 37 11.62 24.30 12.45
CA MET A 37 12.22 23.09 12.98
C MET A 37 11.27 21.89 12.90
N ALA A 38 11.83 20.71 13.18
CA ALA A 38 11.04 19.49 13.38
C ALA A 38 11.40 18.89 14.72
N ILE A 39 10.43 18.19 15.30
CA ILE A 39 10.59 17.49 16.55
C ILE A 39 9.95 16.09 16.35
N ILE A 40 10.71 15.06 16.65
CA ILE A 40 10.17 13.68 16.73
C ILE A 40 10.21 13.12 18.14
N THR A 41 9.25 12.24 18.42
CA THR A 41 9.20 11.48 19.65
C THR A 41 9.09 9.98 19.37
N PHE A 42 9.46 9.22 20.38
CA PHE A 42 9.32 7.78 20.37
C PHE A 42 8.48 7.38 21.56
N LYS A 43 7.90 6.19 21.46
CA LYS A 43 7.01 5.65 22.50
C LYS A 43 7.67 5.62 23.88
N ASN A 44 8.97 5.41 23.92
CA ASN A 44 9.74 5.38 25.17
C ASN A 44 9.92 6.74 25.84
N GLY A 45 9.37 7.81 25.25
CA GLY A 45 9.45 9.15 25.77
C GLY A 45 10.56 10.00 25.21
N ALA A 46 11.44 9.40 24.43
CA ALA A 46 12.58 10.15 23.88
C ALA A 46 12.12 11.27 22.93
N ILE A 47 12.76 12.43 22.95
CA ILE A 47 12.33 13.56 22.12
C ILE A 47 13.55 14.10 21.47
N PHE A 48 13.50 14.34 20.16
CA PHE A 48 14.65 14.91 19.41
C PHE A 48 14.23 16.01 18.42
N GLN A 49 15.14 16.91 18.09
CA GLN A 49 14.86 17.98 17.19
C GLN A 49 15.76 17.89 16.00
N VAL A 50 15.28 18.44 14.88
CA VAL A 50 16.20 18.90 13.86
C VAL A 50 16.27 20.42 14.09
N GLU A 51 17.48 20.92 14.32
CA GLU A 51 17.62 22.32 14.70
C GLU A 51 17.28 23.30 13.59
N VAL A 52 16.87 24.49 14.02
CA VAL A 52 16.68 25.63 13.18
C VAL A 52 18.05 25.92 12.56
N PRO A 53 18.12 26.08 11.24
CA PRO A 53 19.36 26.44 10.62
C PRO A 53 19.89 27.78 11.19
N GLY A 54 21.21 27.90 11.28
CA GLY A 54 21.85 29.03 11.93
C GLY A 54 23.38 29.00 11.83
N SER A 55 24.03 29.90 12.58
CA SER A 55 25.49 30.12 12.49
C SER A 55 26.32 28.89 12.91
N GLN A 56 25.81 28.07 13.83
CA GLN A 56 26.44 26.77 14.14
C GLN A 56 26.48 25.75 13.01
N HIS A 57 25.88 26.04 11.85
CA HIS A 57 25.86 25.13 10.71
C HIS A 57 26.61 25.72 9.55
N ILE A 58 27.46 24.93 8.93
CA ILE A 58 28.20 25.38 7.75
C ILE A 58 27.33 25.23 6.52
N ASP A 59 27.66 25.96 5.47
CA ASP A 59 26.79 26.04 4.29
CA ASP A 59 26.85 26.05 4.25
C ASP A 59 26.44 24.67 3.73
N SER A 60 27.40 23.74 3.70
CA SER A 60 27.16 22.37 3.27
C SER A 60 26.10 21.62 4.09
N GLN A 61 25.83 22.02 5.33
CA GLN A 61 24.77 21.40 6.16
C GLN A 61 23.34 21.85 5.88
N LYS A 62 23.15 22.94 5.16
CA LYS A 62 21.82 23.53 4.91
C LYS A 62 20.91 22.58 4.11
N LYS A 63 21.40 22.06 2.97
CA LYS A 63 20.66 21.05 2.20
C LYS A 63 20.47 19.76 3.02
N ALA A 64 21.45 19.40 3.84
CA ALA A 64 21.37 18.14 4.56
C ALA A 64 20.35 18.24 5.72
N ILE A 65 20.18 19.45 6.28
CA ILE A 65 19.18 19.72 7.30
C ILE A 65 17.79 19.54 6.66
N GLU A 66 17.64 20.06 5.46
CA GLU A 66 16.35 19.97 4.75
C GLU A 66 16.06 18.52 4.41
N ARG A 67 17.08 17.81 3.91
CA ARG A 67 16.94 16.40 3.60
C ARG A 67 16.51 15.62 4.85
N MET A 68 17.08 15.91 6.01
CA MET A 68 16.76 15.17 7.21
C MET A 68 15.29 15.32 7.61
N LYS A 69 14.79 16.53 7.53
CA LYS A 69 13.37 16.76 7.82
C LYS A 69 12.49 16.01 6.81
N ASP A 70 12.88 15.96 5.55
CA ASP A 70 12.16 15.13 4.54
C ASP A 70 12.18 13.62 4.94
N THR A 71 13.34 13.17 5.38
CA THR A 71 13.54 11.79 5.80
C THR A 71 12.71 11.42 7.03
N LEU A 72 12.66 12.30 8.02
CA LEU A 72 11.89 12.01 9.22
C LEU A 72 10.39 11.96 8.89
N ARG A 73 9.94 12.87 8.03
CA ARG A 73 8.50 12.89 7.66
C ARG A 73 8.11 11.60 6.96
N ILE A 74 8.88 11.21 5.93
CA ILE A 74 8.55 9.96 5.24
C ILE A 74 8.75 8.69 6.08
N ALA A 75 9.76 8.66 6.93
CA ALA A 75 9.92 7.57 7.94
C ALA A 75 8.69 7.47 8.83
N TYR A 76 8.19 8.61 9.31
CA TYR A 76 7.04 8.64 10.19
C TYR A 76 5.84 8.01 9.45
N LEU A 77 5.59 8.51 8.25
CA LEU A 77 4.38 8.15 7.48
C LEU A 77 4.44 6.70 6.96
N THR A 78 5.63 6.15 6.82
CA THR A 78 5.79 4.74 6.42
C THR A 78 5.93 3.78 7.61
N GLU A 79 5.85 4.29 8.83
CA GLU A 79 6.14 3.55 10.04
C GLU A 79 7.50 2.79 9.96
N ALA A 80 8.50 3.45 9.38
CA ALA A 80 9.81 2.82 9.21
C ALA A 80 10.51 2.73 10.54
N LYS A 81 11.10 1.57 10.82
CA LYS A 81 11.82 1.41 12.09
C LYS A 81 13.12 2.21 12.03
N VAL A 82 13.32 3.05 13.04
CA VAL A 82 14.57 3.81 13.19
C VAL A 82 15.45 2.96 14.08
N GLU A 83 16.63 2.63 13.60
CA GLU A 83 17.59 1.83 14.33
C GLU A 83 18.28 2.72 15.37
N LYS A 84 19.11 3.64 14.89
CA LYS A 84 19.87 4.55 15.74
C LYS A 84 19.78 6.01 15.26
N LEU A 85 19.89 6.93 16.22
CA LEU A 85 20.15 8.32 15.98
C LEU A 85 21.46 8.75 16.62
N CYS A 86 22.26 9.46 15.85
CA CYS A 86 23.41 10.16 16.38
C CYS A 86 22.89 11.56 16.72
N VAL A 87 22.99 11.97 18.00
CA VAL A 87 22.47 13.30 18.40
C VAL A 87 23.53 14.14 19.15
N TRP A 88 23.40 15.46 19.05
CA TRP A 88 24.18 16.39 19.89
C TRP A 88 23.48 16.47 21.21
N ASN A 89 24.22 16.15 22.29
CA ASN A 89 23.62 16.08 23.63
C ASN A 89 23.81 17.35 24.46
N ASN A 90 24.36 18.39 23.84
CA ASN A 90 24.46 19.72 24.45
C ASN A 90 23.35 20.66 23.93
N LYS A 91 22.30 20.11 23.34
CA LYS A 91 21.13 20.90 22.94
C LYS A 91 19.93 20.26 23.61
N THR A 92 18.88 21.02 23.84
CA THR A 92 17.64 20.51 24.44
C THR A 92 16.42 20.97 23.60
N PRO A 93 15.65 20.08 22.97
CA PRO A 93 15.91 18.64 22.94
C PRO A 93 17.22 18.29 22.21
N HIS A 94 17.74 17.08 22.41
CA HIS A 94 18.96 16.68 21.71
C HIS A 94 18.72 16.77 20.20
N ALA A 95 19.74 17.18 19.47
CA ALA A 95 19.64 17.55 18.08
C ALA A 95 20.18 16.47 17.19
N ILE A 96 19.43 16.10 16.15
CA ILE A 96 19.84 15.02 15.27
C ILE A 96 20.94 15.42 14.32
N ALA A 97 21.95 14.56 14.28
CA ALA A 97 23.06 14.64 13.37
C ALA A 97 23.03 13.58 12.29
N ALA A 98 22.53 12.41 12.62
CA ALA A 98 22.41 11.34 11.67
C ALA A 98 21.33 10.33 12.14
N ILE A 99 20.84 9.58 11.17
CA ILE A 99 19.84 8.55 11.36
C ILE A 99 20.22 7.31 10.58
N SER A 100 19.94 6.17 11.19
CA SER A 100 20.03 4.90 10.51
C SER A 100 18.71 4.17 10.62
N MET A 101 18.32 3.60 9.47
CA MET A 101 17.09 2.80 9.39
C MET A 101 17.41 1.37 8.90
N ALA A 102 16.78 0.42 9.56
CA ALA A 102 16.98 -1.01 9.29
C ALA A 102 15.84 -1.74 9.91
N ASN A 103 15.29 -2.73 9.23
CA ASN A 103 14.25 -3.57 9.84
C ASN A 103 14.27 -4.99 9.33
N THR B 1 26.66 7.11 -26.15
CA THR B 1 25.97 7.09 -24.83
C THR B 1 25.70 5.66 -24.42
N PRO B 2 26.04 5.31 -23.18
CA PRO B 2 25.77 3.96 -22.76
C PRO B 2 24.27 3.69 -22.64
N GLN B 3 23.90 2.43 -22.85
CA GLN B 3 22.52 1.97 -22.81
C GLN B 3 22.21 1.17 -21.56
N ASN B 4 23.23 0.90 -20.75
CA ASN B 4 23.04 0.20 -19.49
C ASN B 4 24.11 0.60 -18.52
N ILE B 5 23.88 0.23 -17.25
CA ILE B 5 24.81 0.56 -16.15
C ILE B 5 26.22 -0.07 -16.31
N THR B 6 26.29 -1.29 -16.83
CA THR B 6 27.56 -2.02 -17.01
C THR B 6 28.46 -1.28 -18.04
N ASP B 7 27.90 -0.87 -19.18
CA ASP B 7 28.65 -0.10 -20.19
C ASP B 7 28.96 1.30 -19.69
N LEU B 8 28.07 1.91 -18.93
CA LEU B 8 28.34 3.19 -18.31
C LEU B 8 29.53 3.13 -17.30
N CYS B 9 29.52 2.12 -16.45
CA CYS B 9 30.55 1.93 -15.44
CA CYS B 9 30.57 1.88 -15.44
C CYS B 9 31.96 1.79 -16.06
N ALA B 10 32.02 1.08 -17.20
CA ALA B 10 33.29 0.81 -17.87
C ALA B 10 33.94 2.04 -18.50
N GLU B 11 33.19 3.12 -18.64
CA GLU B 11 33.72 4.40 -19.12
C GLU B 11 34.57 5.14 -18.12
N TYR B 12 34.58 4.68 -16.87
CA TYR B 12 35.32 5.34 -15.80
C TYR B 12 36.44 4.45 -15.30
N HIS B 13 37.54 5.08 -14.91
CA HIS B 13 38.61 4.40 -14.19
C HIS B 13 38.20 4.21 -12.73
N ASN B 14 38.70 3.10 -12.17
CA ASN B 14 38.56 2.76 -10.77
C ASN B 14 37.12 2.45 -10.39
N THR B 15 36.33 1.93 -11.34
CA THR B 15 34.96 1.52 -11.04
C THR B 15 34.81 0.02 -11.18
N GLN B 16 33.81 -0.53 -10.50
CA GLN B 16 33.35 -1.87 -10.77
C GLN B 16 31.86 -1.99 -10.49
N ILE B 17 31.30 -3.04 -11.07
CA ILE B 17 29.92 -3.45 -10.90
C ILE B 17 29.78 -4.44 -9.77
N TYR B 18 28.87 -4.16 -8.85
CA TYR B 18 28.39 -5.11 -7.91
C TYR B 18 26.98 -5.51 -8.33
N THR B 19 26.72 -6.80 -8.40
CA THR B 19 25.39 -7.30 -8.71
C THR B 19 24.77 -7.82 -7.41
N LEU B 20 23.83 -7.06 -6.85
CA LEU B 20 23.19 -7.40 -5.57
C LEU B 20 21.90 -8.21 -5.71
N ASN B 21 21.04 -7.84 -6.68
CA ASN B 21 19.71 -8.43 -6.77
C ASN B 21 19.04 -8.59 -5.42
N ASP B 22 19.02 -7.51 -4.65
CA ASP B 22 18.48 -7.58 -3.31
C ASP B 22 18.04 -6.19 -2.93
N LYS B 23 17.11 -6.10 -1.99
CA LYS B 23 16.70 -4.81 -1.43
CA LYS B 23 16.72 -4.80 -1.46
C LYS B 23 17.82 -4.26 -0.53
N ILE B 24 17.75 -2.96 -0.23
CA ILE B 24 18.68 -2.32 0.70
C ILE B 24 18.33 -2.73 2.12
N PHE B 25 19.35 -3.23 2.86
CA PHE B 25 19.15 -3.76 4.22
C PHE B 25 19.13 -2.61 5.25
N SER B 26 19.97 -1.61 5.05
CA SER B 26 19.99 -0.42 5.90
C SER B 26 20.31 0.83 5.14
N TYR B 27 19.73 1.91 5.63
CA TYR B 27 19.90 3.25 5.07
C TYR B 27 20.30 4.20 6.22
N THR B 28 21.41 4.89 6.01
CA THR B 28 21.94 5.85 6.95
C THR B 28 22.18 7.19 6.27
N GLU B 29 21.77 8.25 6.93
CA GLU B 29 22.13 9.57 6.42
C GLU B 29 22.54 10.53 7.53
N SER B 30 23.42 11.44 7.14
CA SER B 30 24.05 12.36 8.06
C SER B 30 24.02 13.80 7.56
N LEU B 31 23.69 14.71 8.48
CA LEU B 31 23.77 16.13 8.27
C LEU B 31 24.98 16.80 8.97
N ALA B 32 25.79 16.00 9.67
CA ALA B 32 26.92 16.51 10.46
C ALA B 32 27.97 17.12 9.53
N GLY B 33 28.58 18.22 9.97
CA GLY B 33 29.49 19.03 9.12
C GLY B 33 30.62 18.22 8.58
N LYS B 34 30.85 18.31 7.28
CA LYS B 34 31.83 17.49 6.56
C LYS B 34 31.52 15.99 6.43
N ARG B 35 30.38 15.53 6.96
CA ARG B 35 29.90 14.14 6.82
C ARG B 35 28.44 14.13 6.31
N GLU B 36 28.15 15.01 5.37
CA GLU B 36 26.80 15.17 4.77
C GLU B 36 26.78 14.12 3.65
N MET B 37 26.41 12.92 4.05
CA MET B 37 26.54 11.74 3.25
C MET B 37 25.39 10.77 3.55
N ALA B 38 25.31 9.76 2.69
CA ALA B 38 24.53 8.57 2.92
C ALA B 38 25.36 7.32 2.85
N ILE B 39 24.95 6.31 3.61
CA ILE B 39 25.57 4.99 3.54
C ILE B 39 24.44 3.93 3.44
N ILE B 40 24.57 2.97 2.54
CA ILE B 40 23.64 1.84 2.48
C ILE B 40 24.37 0.53 2.71
N THR B 41 23.67 -0.44 3.26
CA THR B 41 24.19 -1.79 3.35
C THR B 41 23.22 -2.78 2.82
N PHE B 42 23.76 -3.93 2.42
CA PHE B 42 23.01 -5.08 1.96
C PHE B 42 23.20 -6.31 2.89
N LYS B 43 22.27 -7.27 2.80
CA LYS B 43 22.27 -8.39 3.75
CA LYS B 43 22.25 -8.44 3.70
C LYS B 43 23.57 -9.21 3.66
N ASN B 44 24.19 -9.20 2.48
CA ASN B 44 25.45 -9.90 2.28
C ASN B 44 26.66 -9.15 2.84
N GLY B 45 26.42 -8.01 3.50
CA GLY B 45 27.44 -7.27 4.18
C GLY B 45 28.14 -6.27 3.31
N ALA B 46 27.71 -6.07 2.06
CA ALA B 46 28.26 -4.95 1.26
C ALA B 46 27.83 -3.60 1.82
N ILE B 47 28.76 -2.64 1.81
CA ILE B 47 28.56 -1.30 2.33
C ILE B 47 28.99 -0.31 1.27
N PHE B 48 28.18 0.72 1.03
CA PHE B 48 28.45 1.72 0.00
C PHE B 48 28.07 3.07 0.49
N GLN B 49 28.73 4.11 0.00
CA GLN B 49 28.38 5.48 0.34
C GLN B 49 27.92 6.28 -0.87
N VAL B 50 27.14 7.32 -0.63
CA VAL B 50 27.13 8.46 -1.52
C VAL B 50 28.10 9.44 -0.91
N GLU B 51 29.10 9.86 -1.69
CA GLU B 51 30.13 10.77 -1.19
C GLU B 51 29.61 12.09 -0.72
N VAL B 52 30.29 12.63 0.29
CA VAL B 52 30.12 14.04 0.68
C VAL B 52 30.44 14.88 -0.59
N PRO B 53 29.58 15.85 -0.93
CA PRO B 53 29.86 16.64 -2.14
C PRO B 53 31.09 17.52 -1.94
N GLY B 54 31.94 17.66 -2.93
CA GLY B 54 33.22 18.31 -2.75
C GLY B 54 33.80 18.89 -4.02
N SER B 55 35.11 19.06 -4.02
CA SER B 55 35.85 19.70 -5.11
C SER B 55 36.22 18.71 -6.19
N GLN B 56 36.27 17.42 -5.86
CA GLN B 56 36.35 16.36 -6.87
C GLN B 56 35.04 16.12 -7.70
N HIS B 57 33.99 16.91 -7.47
CA HIS B 57 32.68 16.73 -8.10
C HIS B 57 32.38 17.98 -8.90
N ILE B 58 32.20 17.87 -10.22
CA ILE B 58 31.79 19.04 -11.05
C ILE B 58 30.36 19.44 -10.71
N ASP B 59 29.98 20.65 -11.10
CA ASP B 59 28.64 21.22 -10.81
C ASP B 59 27.46 20.32 -11.22
N SER B 60 27.57 19.69 -12.40
CA SER B 60 26.48 18.84 -12.92
C SER B 60 26.25 17.65 -12.01
N GLN B 61 27.31 17.18 -11.35
CA GLN B 61 27.19 16.07 -10.39
C GLN B 61 26.53 16.43 -9.08
N LYS B 62 26.47 17.70 -8.71
CA LYS B 62 25.88 18.09 -7.42
C LYS B 62 24.40 17.75 -7.36
N LYS B 63 23.61 18.19 -8.34
CA LYS B 63 22.20 17.77 -8.45
C LYS B 63 22.01 16.27 -8.47
N ALA B 64 22.87 15.57 -9.23
CA ALA B 64 22.77 14.13 -9.36
C ALA B 64 23.07 13.40 -8.07
N ILE B 65 24.08 13.86 -7.29
CA ILE B 65 24.33 13.35 -5.93
C ILE B 65 23.09 13.45 -5.01
N GLU B 66 22.42 14.60 -5.04
CA GLU B 66 21.23 14.78 -4.22
C GLU B 66 20.12 13.85 -4.71
N ARG B 67 19.98 13.72 -6.04
CA ARG B 67 18.97 12.81 -6.57
C ARG B 67 19.29 11.44 -6.07
N MET B 68 20.58 11.02 -6.09
CA MET B 68 20.91 9.65 -5.75
C MET B 68 20.49 9.31 -4.32
N LYS B 69 20.73 10.24 -3.40
CA LYS B 69 20.31 10.06 -2.00
C LYS B 69 18.80 9.96 -1.89
N ASP B 70 18.10 10.74 -2.68
CA ASP B 70 16.63 10.61 -2.77
C ASP B 70 16.25 9.20 -3.23
N THR B 71 16.91 8.75 -4.29
CA THR B 71 16.67 7.44 -4.83
C THR B 71 16.86 6.31 -3.85
N LEU B 72 17.97 6.35 -3.10
CA LEU B 72 18.29 5.28 -2.19
C LEU B 72 17.28 5.25 -1.04
N ARG B 73 16.88 6.42 -0.53
CA ARG B 73 15.92 6.49 0.56
C ARG B 73 14.60 5.88 0.13
N ILE B 74 14.12 6.28 -1.03
CA ILE B 74 12.81 5.74 -1.45
C ILE B 74 12.94 4.27 -1.85
N ALA B 75 14.04 3.86 -2.50
CA ALA B 75 14.29 2.45 -2.75
C ALA B 75 14.28 1.67 -1.43
N TYR B 76 14.95 2.16 -0.37
CA TYR B 76 14.95 1.51 0.91
C TYR B 76 13.51 1.33 1.45
N LEU B 77 12.77 2.43 1.44
CA LEU B 77 11.42 2.48 1.98
C LEU B 77 10.39 1.67 1.23
N THR B 78 10.60 1.40 -0.04
CA THR B 78 9.68 0.58 -0.85
C THR B 78 10.20 -0.87 -1.00
N GLU B 79 11.33 -1.18 -0.37
CA GLU B 79 12.00 -2.46 -0.49
C GLU B 79 12.30 -2.84 -1.92
N ALA B 80 12.64 -1.84 -2.73
CA ALA B 80 12.90 -2.05 -4.14
C ALA B 80 14.17 -2.86 -4.34
N LYS B 81 14.09 -3.89 -5.18
CA LYS B 81 15.27 -4.70 -5.52
C LYS B 81 16.29 -3.85 -6.28
N VAL B 82 17.52 -3.82 -5.77
CA VAL B 82 18.62 -3.22 -6.50
C VAL B 82 19.30 -4.31 -7.32
N GLU B 83 19.40 -4.09 -8.62
CA GLU B 83 20.03 -5.03 -9.50
C GLU B 83 21.56 -4.87 -9.38
N LYS B 84 22.07 -3.76 -9.87
CA LYS B 84 23.49 -3.47 -9.89
C LYS B 84 23.80 -2.10 -9.32
N LEU B 85 25.02 -1.97 -8.78
CA LEU B 85 25.62 -0.71 -8.43
C LEU B 85 26.93 -0.62 -9.16
N CYS B 86 27.15 0.53 -9.78
CA CYS B 86 28.45 0.91 -10.27
C CYS B 86 29.10 1.79 -9.20
N VAL B 87 30.30 1.40 -8.77
CA VAL B 87 30.96 2.08 -7.63
C VAL B 87 32.43 2.37 -7.89
N TRP B 88 32.92 3.46 -7.34
CA TRP B 88 34.37 3.74 -7.34
C TRP B 88 34.99 2.89 -6.24
N ASN B 89 36.02 2.11 -6.62
CA ASN B 89 36.69 1.21 -5.68
C ASN B 89 37.97 1.79 -5.06
N ASN B 90 38.25 3.05 -5.39
CA ASN B 90 39.32 3.82 -4.78
C ASN B 90 38.79 4.77 -3.69
N LYS B 91 37.72 4.36 -3.00
CA LYS B 91 37.18 5.05 -1.83
C LYS B 91 36.73 3.99 -0.86
N THR B 92 36.69 4.35 0.42
CA THR B 92 36.28 3.43 1.47
C THR B 92 35.27 4.14 2.33
N PRO B 93 34.06 3.60 2.50
CA PRO B 93 33.47 2.55 1.65
C PRO B 93 33.41 2.91 0.14
N HIS B 94 33.24 1.91 -0.70
CA HIS B 94 33.14 2.17 -2.14
C HIS B 94 31.96 3.11 -2.38
N ALA B 95 32.18 4.05 -3.28
CA ALA B 95 31.31 5.20 -3.50
C ALA B 95 30.42 4.96 -4.70
N ILE B 96 29.16 5.32 -4.56
CA ILE B 96 28.17 5.00 -5.61
C ILE B 96 28.30 5.97 -6.77
N ALA B 97 28.39 5.40 -7.98
CA ALA B 97 28.37 6.11 -9.25
C ALA B 97 27.02 5.95 -10.01
N ALA B 98 26.44 4.75 -9.92
CA ALA B 98 25.16 4.48 -10.59
C ALA B 98 24.44 3.34 -9.93
N ILE B 99 23.13 3.30 -10.16
CA ILE B 99 22.31 2.22 -9.64
C ILE B 99 21.32 1.76 -10.72
N SER B 100 21.03 0.48 -10.76
CA SER B 100 19.92 -0.04 -11.57
C SER B 100 18.98 -0.85 -10.66
N MET B 101 17.68 -0.71 -10.89
CA MET B 101 16.67 -1.48 -10.20
C MET B 101 15.84 -2.25 -11.23
N ALA B 102 15.62 -3.52 -10.96
CA ALA B 102 14.76 -4.38 -11.76
C ALA B 102 14.31 -5.45 -10.80
N ASN B 103 13.11 -5.96 -11.01
CA ASN B 103 12.62 -7.12 -10.25
C ASN B 103 11.67 -7.96 -11.09
N THR C 1 -1.47 25.33 -28.20
CA THR C 1 -0.93 24.40 -27.17
C THR C 1 -1.52 23.00 -27.46
N PRO C 2 -0.68 21.95 -27.53
CA PRO C 2 -1.23 20.61 -27.77
C PRO C 2 -2.03 20.09 -26.58
N GLN C 3 -2.99 19.19 -26.87
CA GLN C 3 -3.93 18.63 -25.88
C GLN C 3 -3.62 17.18 -25.46
N ASN C 4 -2.64 16.60 -26.10
CA ASN C 4 -2.21 15.24 -25.84
C ASN C 4 -0.81 15.09 -26.32
N ILE C 5 -0.21 13.96 -25.96
CA ILE C 5 1.18 13.68 -26.25
C ILE C 5 1.50 13.53 -27.74
N THR C 6 0.57 13.00 -28.51
CA THR C 6 0.83 12.75 -29.92
C THR C 6 0.95 14.14 -30.63
N ASP C 7 0.04 15.03 -30.33
CA ASP C 7 0.06 16.37 -30.92
C ASP C 7 1.30 17.15 -30.49
N LEU C 8 1.69 16.96 -29.23
CA LEU C 8 2.94 17.57 -28.72
C LEU C 8 4.15 17.07 -29.47
N CYS C 9 4.25 15.75 -29.62
CA CYS C 9 5.40 15.11 -30.27
CA CYS C 9 5.38 15.09 -30.28
C CYS C 9 5.56 15.62 -31.70
N ALA C 10 4.43 15.93 -32.35
CA ALA C 10 4.42 16.36 -33.75
C ALA C 10 4.97 17.79 -33.90
N GLU C 11 5.10 18.52 -32.81
CA GLU C 11 5.66 19.84 -32.88
C GLU C 11 7.20 19.89 -33.03
N TYR C 12 7.87 18.74 -33.04
CA TYR C 12 9.33 18.68 -33.00
C TYR C 12 9.81 17.81 -34.11
N HIS C 13 10.97 18.14 -34.66
CA HIS C 13 11.63 17.28 -35.61
C HIS C 13 12.29 16.13 -34.88
N ASN C 14 12.49 15.04 -35.60
CA ASN C 14 13.21 13.85 -35.16
C ASN C 14 12.59 13.15 -33.96
N THR C 15 11.26 13.13 -33.91
CA THR C 15 10.56 12.41 -32.84
C THR C 15 9.62 11.36 -33.36
N GLN C 16 9.32 10.39 -32.51
CA GLN C 16 8.30 9.36 -32.77
C GLN C 16 7.58 8.96 -31.46
N ILE C 17 6.40 8.37 -31.63
CA ILE C 17 5.60 7.84 -30.53
C ILE C 17 5.86 6.36 -30.41
N TYR C 18 5.94 5.90 -29.16
CA TYR C 18 5.85 4.51 -28.78
C TYR C 18 4.61 4.38 -27.89
N THR C 19 3.87 3.29 -28.02
CA THR C 19 2.74 3.01 -27.16
C THR C 19 3.09 1.72 -26.45
N LEU C 20 3.60 1.84 -25.23
CA LEU C 20 4.02 0.68 -24.46
C LEU C 20 2.86 -0.04 -23.74
N ASN C 21 1.91 0.70 -23.21
CA ASN C 21 0.89 0.13 -22.32
C ASN C 21 1.47 -0.89 -21.38
N ASP C 22 2.51 -0.48 -20.68
CA ASP C 22 3.22 -1.38 -19.77
C ASP C 22 4.00 -0.58 -18.74
N LYS C 23 4.27 -1.26 -17.61
CA LYS C 23 5.10 -0.68 -16.60
CA LYS C 23 5.12 -0.78 -16.56
C LYS C 23 6.56 -0.74 -17.04
N ILE C 24 7.37 0.07 -16.36
CA ILE C 24 8.78 0.15 -16.60
C ILE C 24 9.44 -1.09 -16.00
N PHE C 25 10.24 -1.82 -16.80
CA PHE C 25 10.87 -3.06 -16.37
C PHE C 25 12.13 -2.79 -15.49
N SER C 26 12.89 -1.78 -15.88
CA SER C 26 14.12 -1.39 -15.15
C SER C 26 14.32 0.12 -15.16
N TYR C 27 14.90 0.59 -14.05
CA TYR C 27 15.23 1.98 -13.85
C TYR C 27 16.70 2.07 -13.43
N THR C 28 17.47 2.85 -14.16
CA THR C 28 18.89 3.09 -13.90
C THR C 28 19.15 4.58 -13.83
N GLU C 29 19.91 5.04 -12.82
CA GLU C 29 20.42 6.42 -12.84
C GLU C 29 21.88 6.49 -12.40
N SER C 30 22.54 7.49 -12.95
CA SER C 30 23.96 7.72 -12.75
C SER C 30 24.21 9.13 -12.33
N LEU C 31 25.14 9.25 -11.35
CA LEU C 31 25.67 10.53 -10.94
C LEU C 31 27.09 10.76 -11.47
N ALA C 32 27.64 9.82 -12.22
CA ALA C 32 29.01 9.98 -12.77
C ALA C 32 29.11 11.19 -13.73
N GLY C 33 30.24 11.90 -13.63
CA GLY C 33 30.50 13.14 -14.37
C GLY C 33 30.38 12.95 -15.88
N LYS C 34 29.63 13.86 -16.50
CA LYS C 34 29.25 13.83 -17.92
CA LYS C 34 29.26 13.83 -17.91
C LYS C 34 28.26 12.72 -18.27
N ARG C 35 27.80 11.94 -17.29
CA ARG C 35 26.82 10.84 -17.52
C ARG C 35 25.69 10.92 -16.48
N GLU C 36 25.25 12.11 -16.15
CA GLU C 36 24.19 12.33 -15.11
C GLU C 36 22.88 12.16 -15.85
N MET C 37 22.39 10.94 -15.88
CA MET C 37 21.32 10.54 -16.82
C MET C 37 20.48 9.44 -16.19
N ALA C 38 19.28 9.19 -16.72
CA ALA C 38 18.51 8.01 -16.35
C ALA C 38 18.30 7.16 -17.60
N ILE C 39 18.18 5.84 -17.41
CA ILE C 39 17.88 4.90 -18.47
C ILE C 39 16.74 4.03 -17.97
N ILE C 40 15.71 3.85 -18.80
CA ILE C 40 14.60 2.91 -18.48
C ILE C 40 14.49 1.87 -19.58
N THR C 41 14.03 0.69 -19.20
CA THR C 41 13.74 -0.33 -20.17
C THR C 41 12.34 -0.87 -19.95
N PHE C 42 11.87 -1.57 -20.99
CA PHE C 42 10.57 -2.26 -20.97
C PHE C 42 10.78 -3.72 -21.29
N LYS C 43 9.80 -4.57 -20.91
CA LYS C 43 9.88 -6.02 -21.04
C LYS C 43 10.11 -6.40 -22.50
N ASN C 44 9.56 -5.61 -23.40
CA ASN C 44 9.71 -5.84 -24.85
C ASN C 44 11.11 -5.53 -25.43
N GLY C 45 12.08 -5.14 -24.60
CA GLY C 45 13.45 -4.83 -25.02
C GLY C 45 13.74 -3.37 -25.34
N ALA C 46 12.74 -2.51 -25.37
CA ALA C 46 12.94 -1.11 -25.59
C ALA C 46 13.73 -0.43 -24.47
N ILE C 47 14.64 0.44 -24.86
CA ILE C 47 15.56 1.16 -23.95
C ILE C 47 15.41 2.66 -24.28
N PHE C 48 15.19 3.49 -23.26
CA PHE C 48 15.11 4.92 -23.44
C PHE C 48 15.97 5.60 -22.38
N GLN C 49 16.43 6.80 -22.70
CA GLN C 49 17.21 7.62 -21.80
C GLN C 49 16.49 8.93 -21.54
N VAL C 50 16.74 9.50 -20.38
CA VAL C 50 16.58 10.92 -20.16
C VAL C 50 18.03 11.44 -20.30
N GLU C 51 18.21 12.38 -21.22
CA GLU C 51 19.55 12.87 -21.57
C GLU C 51 20.21 13.68 -20.51
N VAL C 52 21.55 13.60 -20.54
CA VAL C 52 22.42 14.44 -19.74
C VAL C 52 22.11 15.84 -20.20
N PRO C 53 21.81 16.79 -19.29
CA PRO C 53 21.58 18.13 -19.79
C PRO C 53 22.82 18.69 -20.54
N GLY C 54 22.58 19.55 -21.52
CA GLY C 54 23.56 19.86 -22.57
C GLY C 54 23.06 21.00 -23.45
N SER C 55 23.80 21.29 -24.52
CA SER C 55 23.50 22.44 -25.43
C SER C 55 22.16 22.32 -26.15
N GLN C 56 21.80 21.09 -26.51
CA GLN C 56 20.47 20.82 -27.11
C GLN C 56 19.27 21.28 -26.26
N HIS C 57 19.50 21.50 -24.96
CA HIS C 57 18.49 21.96 -24.01
C HIS C 57 18.63 23.46 -23.69
N ILE C 58 17.50 24.19 -23.72
CA ILE C 58 17.41 25.59 -23.24
C ILE C 58 17.13 25.59 -21.73
N ASP C 59 17.14 26.77 -21.10
CA ASP C 59 17.09 26.89 -19.62
C ASP C 59 15.80 26.43 -18.95
N SER C 60 14.66 26.71 -19.59
CA SER C 60 13.35 26.22 -19.12
C SER C 60 13.29 24.67 -19.07
N GLN C 61 14.10 24.01 -19.89
CA GLN C 61 14.11 22.56 -19.94
C GLN C 61 14.86 21.87 -18.78
N LYS C 62 15.76 22.58 -18.10
CA LYS C 62 16.51 21.94 -17.03
C LYS C 62 15.64 21.44 -15.87
N LYS C 63 14.74 22.28 -15.38
CA LYS C 63 13.80 21.84 -14.34
C LYS C 63 12.98 20.63 -14.86
N ALA C 64 12.57 20.67 -16.13
CA ALA C 64 11.71 19.57 -16.69
C ALA C 64 12.47 18.27 -16.84
N ILE C 65 13.77 18.34 -17.15
CA ILE C 65 14.61 17.16 -17.20
C ILE C 65 14.65 16.50 -15.81
N GLU C 66 14.83 17.34 -14.79
CA GLU C 66 14.84 16.82 -13.42
C GLU C 66 13.49 16.24 -13.03
N ARG C 67 12.42 16.94 -13.39
CA ARG C 67 11.06 16.45 -13.11
C ARG C 67 10.83 15.12 -13.82
N MET C 68 11.23 14.99 -15.08
CA MET C 68 11.05 13.75 -15.81
C MET C 68 11.74 12.57 -15.12
N LYS C 69 12.97 12.77 -14.62
CA LYS C 69 13.64 11.74 -13.86
C LYS C 69 12.88 11.36 -12.58
N ASP C 70 12.29 12.34 -11.93
CA ASP C 70 11.49 12.12 -10.72
C ASP C 70 10.27 11.29 -11.10
N THR C 71 9.62 11.71 -12.21
CA THR C 71 8.42 10.99 -12.73
C THR C 71 8.70 9.53 -13.08
N LEU C 72 9.77 9.28 -13.81
CA LEU C 72 10.17 7.93 -14.14
C LEU C 72 10.49 7.03 -12.91
N ARG C 73 11.14 7.59 -11.92
CA ARG C 73 11.51 6.82 -10.76
C ARG C 73 10.23 6.39 -9.99
N ILE C 74 9.34 7.33 -9.73
CA ILE C 74 8.11 7.01 -9.01
CA ILE C 74 8.12 6.99 -9.00
C ILE C 74 7.18 6.12 -9.86
N ALA C 75 7.19 6.31 -11.19
CA ALA C 75 6.39 5.40 -12.04
C ALA C 75 6.92 4.01 -11.92
N TYR C 76 8.25 3.86 -11.98
CA TYR C 76 8.86 2.56 -11.77
C TYR C 76 8.48 1.94 -10.43
N LEU C 77 8.57 2.71 -9.38
CA LEU C 77 8.33 2.18 -8.03
C LEU C 77 6.87 1.86 -7.71
N THR C 78 5.96 2.50 -8.43
CA THR C 78 4.51 2.26 -8.28
C THR C 78 4.01 1.28 -9.31
N GLU C 79 4.90 0.78 -10.17
CA GLU C 79 4.48 -0.08 -11.28
C GLU C 79 3.37 0.56 -12.18
N ALA C 80 3.45 1.86 -12.34
CA ALA C 80 2.47 2.61 -13.07
C ALA C 80 2.55 2.27 -14.58
N LYS C 81 1.41 2.02 -15.19
CA LYS C 81 1.41 1.74 -16.65
C LYS C 81 1.78 3.01 -17.45
N VAL C 82 2.81 2.87 -18.28
CA VAL C 82 3.14 3.90 -19.25
C VAL C 82 2.28 3.65 -20.48
N GLU C 83 1.53 4.67 -20.88
CA GLU C 83 0.74 4.56 -22.11
C GLU C 83 1.69 4.82 -23.31
N LYS C 84 2.11 6.06 -23.49
CA LYS C 84 3.00 6.40 -24.58
C LYS C 84 4.22 7.20 -24.08
N LEU C 85 5.26 7.13 -24.91
CA LEU C 85 6.43 7.97 -24.84
C LEU C 85 6.58 8.69 -26.15
N CYS C 86 6.92 9.95 -26.09
CA CYS C 86 7.43 10.73 -27.24
C CYS C 86 8.95 10.81 -27.07
N VAL C 87 9.70 10.41 -28.08
CA VAL C 87 11.15 10.33 -27.95
C VAL C 87 11.83 10.88 -29.19
N TRP C 88 13.06 11.34 -29.00
CA TRP C 88 13.94 11.73 -30.10
C TRP C 88 14.67 10.54 -30.63
N ASN C 89 14.53 10.30 -31.95
CA ASN C 89 15.04 9.10 -32.55
C ASN C 89 16.40 9.25 -33.26
N ASN C 90 16.95 10.45 -33.20
CA ASN C 90 18.35 10.71 -33.57
C ASN C 90 19.35 10.53 -32.39
N LYS C 91 18.93 9.93 -31.28
CA LYS C 91 19.83 9.58 -30.18
C LYS C 91 19.74 8.12 -29.92
N THR C 92 20.79 7.59 -29.31
CA THR C 92 20.88 6.21 -28.92
C THR C 92 21.35 6.18 -27.45
N PRO C 93 20.54 5.65 -26.51
CA PRO C 93 19.15 5.24 -26.70
C PRO C 93 18.25 6.37 -27.09
N HIS C 94 17.08 6.07 -27.62
CA HIS C 94 16.16 7.13 -27.94
C HIS C 94 15.91 7.87 -26.64
N ALA C 95 15.78 9.19 -26.76
CA ALA C 95 15.78 10.14 -25.66
C ALA C 95 14.37 10.59 -25.40
N ILE C 96 13.92 10.48 -24.14
CA ILE C 96 12.61 10.91 -23.79
C ILE C 96 12.30 12.42 -23.88
N ALA C 97 11.19 12.75 -24.52
CA ALA C 97 10.64 14.12 -24.61
C ALA C 97 9.34 14.30 -23.80
N ALA C 98 8.51 13.27 -23.76
CA ALA C 98 7.26 13.35 -23.03
C ALA C 98 6.78 11.93 -22.71
N ILE C 99 5.92 11.85 -21.72
CA ILE C 99 5.37 10.59 -21.26
C ILE C 99 3.91 10.78 -20.96
N SER C 100 3.11 9.74 -21.21
CA SER C 100 1.71 9.69 -20.78
C SER C 100 1.52 8.40 -20.02
N MET C 101 0.73 8.49 -18.98
CA MET C 101 0.34 7.35 -18.17
C MET C 101 -1.17 7.37 -18.09
N ALA C 102 -1.74 6.19 -18.23
CA ALA C 102 -3.18 5.99 -18.18
C ALA C 102 -3.31 4.52 -17.86
N ASN C 103 -4.32 4.17 -17.09
CA ASN C 103 -4.65 2.75 -16.93
C ASN C 103 -6.14 2.58 -16.87
N THR D 1 -8.82 37.04 2.31
CA THR D 1 -8.32 35.70 1.87
C THR D 1 -9.52 34.74 1.74
N PRO D 2 -9.63 34.00 0.62
CA PRO D 2 -10.78 33.09 0.49
C PRO D 2 -10.68 31.82 1.33
N GLN D 3 -11.83 31.22 1.65
CA GLN D 3 -11.85 30.00 2.43
C GLN D 3 -12.06 28.71 1.67
N ASN D 4 -12.27 28.79 0.36
CA ASN D 4 -12.45 27.60 -0.47
C ASN D 4 -12.13 27.93 -1.91
N ILE D 5 -12.02 26.90 -2.74
CA ILE D 5 -11.67 27.05 -4.11
C ILE D 5 -12.66 27.91 -4.97
N THR D 6 -13.94 27.84 -4.63
CA THR D 6 -14.99 28.53 -5.37
C THR D 6 -14.83 30.05 -5.19
N ASP D 7 -14.65 30.47 -3.95
CA ASP D 7 -14.43 31.87 -3.62
C ASP D 7 -13.10 32.42 -4.11
N LEU D 8 -12.06 31.60 -4.05
CA LEU D 8 -10.78 31.94 -4.65
C LEU D 8 -10.94 32.16 -6.17
N CYS D 9 -11.66 31.25 -6.82
CA CYS D 9 -11.81 31.32 -8.26
CA CYS D 9 -11.87 31.31 -8.26
C CYS D 9 -12.56 32.61 -8.68
N ALA D 10 -13.55 33.01 -7.89
CA ALA D 10 -14.34 34.21 -8.07
C ALA D 10 -13.55 35.52 -7.95
N GLU D 11 -12.36 35.51 -7.35
CA GLU D 11 -11.52 36.71 -7.29
C GLU D 11 -10.85 37.03 -8.62
N TYR D 12 -10.84 36.11 -9.57
CA TYR D 12 -10.13 36.32 -10.81
C TYR D 12 -11.13 36.48 -11.92
N HIS D 13 -10.72 37.20 -12.96
CA HIS D 13 -11.57 37.29 -14.14
CA HIS D 13 -11.47 37.35 -14.21
C HIS D 13 -11.12 36.20 -15.12
N ASN D 14 -12.08 35.78 -15.94
CA ASN D 14 -11.83 34.76 -16.94
C ASN D 14 -11.47 33.40 -16.33
N THR D 15 -12.00 33.12 -15.14
CA THR D 15 -11.89 31.78 -14.56
C THR D 15 -13.24 31.15 -14.37
N GLN D 16 -13.23 29.84 -14.27
CA GLN D 16 -14.40 29.00 -14.09
C GLN D 16 -14.07 27.78 -13.24
N ILE D 17 -15.02 27.39 -12.38
CA ILE D 17 -14.96 26.12 -11.64
C ILE D 17 -15.49 24.97 -12.51
N TYR D 18 -14.73 23.87 -12.67
CA TYR D 18 -15.28 22.59 -13.18
C TYR D 18 -15.37 21.61 -12.03
N THR D 19 -16.50 20.94 -11.87
CA THR D 19 -16.69 20.01 -10.78
C THR D 19 -16.50 18.62 -11.39
N LEU D 20 -15.44 17.92 -10.97
CA LEU D 20 -15.14 16.62 -11.54
C LEU D 20 -15.60 15.47 -10.64
N ASN D 21 -15.39 15.57 -9.33
CA ASN D 21 -15.59 14.46 -8.40
C ASN D 21 -15.14 13.13 -8.99
N ASP D 22 -13.91 13.09 -9.48
CA ASP D 22 -13.40 11.89 -10.07
C ASP D 22 -11.89 11.91 -10.00
N LYS D 23 -11.29 10.72 -10.09
CA LYS D 23 -9.84 10.65 -10.17
C LYS D 23 -9.34 11.06 -11.54
N ILE D 24 -8.07 11.36 -11.61
CA ILE D 24 -7.44 11.65 -12.89
C ILE D 24 -7.34 10.36 -13.75
N PHE D 25 -7.84 10.45 -15.00
CA PHE D 25 -7.74 9.36 -15.96
C PHE D 25 -6.37 9.19 -16.60
N SER D 26 -5.70 10.31 -16.93
CA SER D 26 -4.41 10.23 -17.57
C SER D 26 -3.55 11.44 -17.20
N TYR D 27 -2.23 11.21 -17.15
CA TYR D 27 -1.27 12.22 -16.76
C TYR D 27 -0.22 12.23 -17.81
N THR D 28 0.00 13.41 -18.40
CA THR D 28 1.01 13.58 -19.45
C THR D 28 1.98 14.69 -19.05
N GLU D 29 3.26 14.45 -19.27
CA GLU D 29 4.31 15.41 -18.93
C GLU D 29 5.34 15.51 -20.02
N SER D 30 5.84 16.73 -20.25
CA SER D 30 6.72 17.03 -21.37
C SER D 30 7.90 17.84 -20.89
N LEU D 31 9.09 17.46 -21.30
CA LEU D 31 10.29 18.26 -21.08
C LEU D 31 10.77 19.00 -22.33
N ALA D 32 10.07 18.83 -23.45
CA ALA D 32 10.47 19.44 -24.73
C ALA D 32 10.45 20.98 -24.66
N GLY D 33 11.40 21.62 -25.36
CA GLY D 33 11.55 23.07 -25.22
C GLY D 33 10.33 23.83 -25.68
N LYS D 34 9.92 24.78 -24.86
CA LYS D 34 8.72 25.60 -25.03
C LYS D 34 7.42 24.85 -24.75
N ARG D 35 7.50 23.58 -24.39
CA ARG D 35 6.33 22.81 -23.98
C ARG D 35 6.63 22.10 -22.67
N GLU D 36 7.23 22.82 -21.72
CA GLU D 36 7.51 22.25 -20.40
C GLU D 36 6.25 22.35 -19.58
N MET D 37 5.40 21.32 -19.68
CA MET D 37 4.02 21.40 -19.19
C MET D 37 3.49 20.03 -18.79
N ALA D 38 2.35 20.04 -18.11
CA ALA D 38 1.62 18.80 -17.75
C ALA D 38 0.23 18.92 -18.34
N ILE D 39 -0.34 17.77 -18.75
CA ILE D 39 -1.73 17.69 -19.17
C ILE D 39 -2.37 16.50 -18.44
N ILE D 40 -3.53 16.74 -17.86
CA ILE D 40 -4.37 15.72 -17.27
C ILE D 40 -5.69 15.60 -18.04
N THR D 41 -6.24 14.39 -18.06
CA THR D 41 -7.58 14.21 -18.57
C THR D 41 -8.44 13.48 -17.54
N PHE D 42 -9.75 13.66 -17.71
CA PHE D 42 -10.72 12.88 -16.99
C PHE D 42 -11.53 11.97 -17.93
N LYS D 43 -12.15 10.95 -17.31
CA LYS D 43 -13.08 9.98 -17.93
CA LYS D 43 -12.96 9.99 -18.06
C LYS D 43 -14.14 10.65 -18.82
N ASN D 44 -14.70 11.72 -18.31
CA ASN D 44 -15.75 12.49 -19.03
C ASN D 44 -15.24 13.27 -20.25
N GLY D 45 -13.95 13.24 -20.54
CA GLY D 45 -13.34 13.87 -21.70
C GLY D 45 -12.70 15.24 -21.44
N ALA D 46 -12.83 15.75 -20.21
CA ALA D 46 -12.18 17.02 -19.86
C ALA D 46 -10.67 16.87 -19.96
N ILE D 47 -10.03 17.87 -20.58
CA ILE D 47 -8.55 17.95 -20.66
C ILE D 47 -8.17 19.26 -20.00
N PHE D 48 -7.12 19.24 -19.15
CA PHE D 48 -6.58 20.48 -18.54
C PHE D 48 -5.09 20.50 -18.60
N GLN D 49 -4.53 21.71 -18.61
CA GLN D 49 -3.11 21.86 -18.57
C GLN D 49 -2.64 22.66 -17.35
N VAL D 50 -1.38 22.43 -17.00
CA VAL D 50 -0.61 23.36 -16.21
C VAL D 50 0.26 24.05 -17.24
N GLU D 51 0.12 25.37 -17.30
CA GLU D 51 0.77 26.19 -18.32
C GLU D 51 2.26 26.12 -18.26
N VAL D 52 2.86 26.18 -19.44
CA VAL D 52 4.28 26.44 -19.55
C VAL D 52 4.58 27.75 -18.80
N PRO D 53 5.63 27.78 -17.93
CA PRO D 53 5.94 29.07 -17.27
C PRO D 53 6.39 30.14 -18.28
N GLY D 54 6.01 31.37 -18.04
CA GLY D 54 6.06 32.40 -19.05
C GLY D 54 5.92 33.79 -18.50
N SER D 55 6.03 34.79 -19.39
CA SER D 55 6.00 36.20 -18.99
C SER D 55 4.65 36.63 -18.39
N GLN D 56 3.59 35.88 -18.69
CA GLN D 56 2.29 36.11 -18.06
C GLN D 56 2.20 35.75 -16.57
N HIS D 57 3.19 35.00 -16.06
CA HIS D 57 3.22 34.59 -14.63
C HIS D 57 4.16 35.49 -13.84
N ILE D 58 3.74 35.92 -12.66
CA ILE D 58 4.63 36.63 -11.73
C ILE D 58 5.59 35.66 -11.01
N ASP D 59 6.67 36.18 -10.43
CA ASP D 59 7.70 35.33 -9.82
C ASP D 59 7.13 34.37 -8.80
N SER D 60 6.25 34.86 -7.94
CA SER D 60 5.66 34.07 -6.87
C SER D 60 4.90 32.83 -7.37
N GLN D 61 4.40 32.88 -8.61
CA GLN D 61 3.70 31.74 -9.20
C GLN D 61 4.62 30.63 -9.70
N LYS D 62 5.92 30.89 -9.84
CA LYS D 62 6.83 29.91 -10.42
C LYS D 62 6.92 28.66 -9.58
N LYS D 63 7.13 28.84 -8.27
CA LYS D 63 7.24 27.70 -7.39
CA LYS D 63 7.22 27.71 -7.35
C LYS D 63 5.87 27.01 -7.30
N ALA D 64 4.79 27.80 -7.40
CA ALA D 64 3.44 27.21 -7.31
C ALA D 64 3.06 26.41 -8.56
N ILE D 65 3.57 26.81 -9.73
CA ILE D 65 3.39 26.04 -10.94
C ILE D 65 4.10 24.70 -10.80
N GLU D 66 5.34 24.68 -10.30
CA GLU D 66 6.05 23.42 -10.12
C GLU D 66 5.36 22.55 -9.06
N ARG D 67 4.81 23.17 -8.01
CA ARG D 67 4.07 22.43 -6.97
C ARG D 67 2.84 21.76 -7.62
N MET D 68 2.12 22.50 -8.45
CA MET D 68 0.89 21.96 -9.06
C MET D 68 1.17 20.71 -9.86
N LYS D 69 2.21 20.70 -10.67
CA LYS D 69 2.60 19.52 -11.41
C LYS D 69 2.95 18.35 -10.50
N ASP D 70 3.65 18.63 -9.39
CA ASP D 70 3.95 17.60 -8.39
C ASP D 70 2.61 17.04 -7.85
N THR D 71 1.69 17.92 -7.58
CA THR D 71 0.40 17.54 -6.99
C THR D 71 -0.40 16.67 -7.93
N LEU D 72 -0.41 17.05 -9.21
CA LEU D 72 -1.19 16.26 -10.18
C LEU D 72 -0.58 14.86 -10.39
N ARG D 73 0.75 14.75 -10.37
CA ARG D 73 1.43 13.45 -10.58
C ARG D 73 1.06 12.51 -9.42
N ILE D 74 1.15 12.99 -8.19
CA ILE D 74 0.95 12.15 -7.04
C ILE D 74 -0.56 11.89 -6.88
N ALA D 75 -1.41 12.89 -7.20
CA ALA D 75 -2.87 12.66 -7.24
C ALA D 75 -3.20 11.54 -8.21
N TYR D 76 -2.58 11.57 -9.39
CA TYR D 76 -2.83 10.54 -10.39
C TYR D 76 -2.44 9.17 -9.86
N LEU D 77 -1.25 9.09 -9.26
CA LEU D 77 -0.68 7.81 -8.85
C LEU D 77 -1.37 7.24 -7.63
N THR D 78 -2.02 8.08 -6.83
CA THR D 78 -2.77 7.62 -5.66
C THR D 78 -4.27 7.44 -5.95
N GLU D 79 -4.67 7.62 -7.21
CA GLU D 79 -6.07 7.62 -7.61
C GLU D 79 -6.90 8.53 -6.72
N ALA D 80 -6.37 9.70 -6.38
CA ALA D 80 -7.08 10.58 -5.50
C ALA D 80 -8.22 11.23 -6.24
N LYS D 81 -9.35 11.32 -5.58
CA LYS D 81 -10.50 12.02 -6.09
C LYS D 81 -10.28 13.57 -6.18
N VAL D 82 -10.39 14.11 -7.38
CA VAL D 82 -10.34 15.58 -7.63
C VAL D 82 -11.78 16.07 -7.51
N GLU D 83 -12.03 16.96 -6.55
CA GLU D 83 -13.35 17.55 -6.35
C GLU D 83 -13.57 18.61 -7.43
N LYS D 84 -12.83 19.72 -7.35
CA LYS D 84 -12.99 20.83 -8.29
C LYS D 84 -11.68 21.29 -8.82
N LEU D 85 -11.74 21.91 -9.98
CA LEU D 85 -10.64 22.67 -10.56
C LEU D 85 -11.08 24.09 -10.93
N CYS D 86 -10.24 25.08 -10.59
CA CYS D 86 -10.43 26.47 -11.03
C CYS D 86 -9.55 26.64 -12.23
N VAL D 87 -10.11 27.08 -13.35
CA VAL D 87 -9.33 27.08 -14.56
C VAL D 87 -9.51 28.40 -15.28
N TRP D 88 -8.53 28.74 -16.09
CA TRP D 88 -8.64 29.81 -17.03
C TRP D 88 -9.16 29.19 -18.32
N ASN D 89 -10.41 29.53 -18.64
CA ASN D 89 -11.08 29.07 -19.89
C ASN D 89 -10.59 29.78 -21.18
N ASN D 90 -9.77 30.83 -21.04
CA ASN D 90 -9.20 31.51 -22.21
C ASN D 90 -7.94 30.84 -22.78
N LYS D 91 -7.62 29.62 -22.33
CA LYS D 91 -6.59 28.80 -22.94
C LYS D 91 -7.21 27.49 -23.34
N THR D 92 -6.58 26.83 -24.30
CA THR D 92 -6.97 25.55 -24.81
CA THR D 92 -6.97 25.50 -24.77
C THR D 92 -5.73 24.63 -24.77
N PRO D 93 -5.73 23.53 -23.99
CA PRO D 93 -6.77 23.17 -23.02
C PRO D 93 -6.86 24.19 -21.91
N HIS D 94 -7.96 24.17 -21.17
CA HIS D 94 -8.15 25.12 -20.11
C HIS D 94 -7.04 24.92 -19.08
N ALA D 95 -6.63 26.03 -18.45
CA ALA D 95 -5.40 26.08 -17.67
C ALA D 95 -5.71 26.11 -16.20
N ILE D 96 -5.07 25.22 -15.43
CA ILE D 96 -5.39 25.08 -14.04
C ILE D 96 -4.81 26.25 -13.20
N ALA D 97 -5.67 26.84 -12.40
CA ALA D 97 -5.33 27.83 -11.38
C ALA D 97 -5.35 27.26 -9.96
N ALA D 98 -6.25 26.33 -9.69
CA ALA D 98 -6.37 25.74 -8.37
C ALA D 98 -7.03 24.40 -8.47
N ILE D 99 -6.84 23.60 -7.44
CA ILE D 99 -7.40 22.25 -7.35
C ILE D 99 -7.87 22.00 -5.96
N SER D 100 -9.01 21.33 -5.80
CA SER D 100 -9.39 20.78 -4.50
C SER D 100 -9.54 19.26 -4.62
N MET D 101 -9.22 18.59 -3.52
CA MET D 101 -9.30 17.18 -3.42
C MET D 101 -10.12 16.86 -2.18
N ALA D 102 -11.16 16.02 -2.33
CA ALA D 102 -11.97 15.52 -1.21
C ALA D 102 -12.62 14.19 -1.58
N ASN D 103 -12.88 13.36 -0.57
CA ASN D 103 -13.49 12.05 -0.82
C ASN D 103 -14.12 11.49 0.43
N THR E 1 14.72 26.07 23.46
CA THR E 1 13.95 25.44 22.32
C THR E 1 12.84 24.61 22.88
N PRO E 2 11.62 24.75 22.32
CA PRO E 2 10.54 23.94 22.88
C PRO E 2 10.63 22.49 22.45
N GLN E 3 9.97 21.65 23.23
CA GLN E 3 9.99 20.21 23.03
C GLN E 3 8.73 19.64 22.47
N ASN E 4 7.70 20.48 22.31
CA ASN E 4 6.42 20.03 21.75
C ASN E 4 5.69 21.19 21.13
N ILE E 5 4.66 20.86 20.36
CA ILE E 5 3.93 21.89 19.62
C ILE E 5 3.17 22.89 20.54
N THR E 6 2.69 22.43 21.68
CA THR E 6 1.92 23.27 22.59
C THR E 6 2.83 24.36 23.14
N ASP E 7 4.01 23.97 23.60
CA ASP E 7 5.00 24.94 24.12
C ASP E 7 5.52 25.85 23.04
N LEU E 8 5.73 25.30 21.84
CA LEU E 8 6.13 26.14 20.71
C LEU E 8 5.06 27.19 20.39
N CYS E 9 3.78 26.78 20.37
CA CYS E 9 2.71 27.67 20.03
CA CYS E 9 2.63 27.64 20.09
C CYS E 9 2.60 28.80 21.08
N ALA E 10 2.78 28.44 22.35
CA ALA E 10 2.79 29.44 23.42
C ALA E 10 3.87 30.52 23.34
N GLU E 11 4.97 30.32 22.61
CA GLU E 11 5.99 31.37 22.39
C GLU E 11 5.54 32.56 21.52
N TYR E 12 4.40 32.45 20.85
CA TYR E 12 3.91 33.41 19.86
C TYR E 12 2.66 34.08 20.37
N HIS E 13 2.49 35.36 20.01
CA HIS E 13 1.23 36.01 20.23
C HIS E 13 0.26 35.64 19.11
N ASN E 14 -1.04 35.75 19.41
CA ASN E 14 -2.07 35.56 18.39
C ASN E 14 -2.12 34.08 17.91
N THR E 15 -1.76 33.14 18.75
CA THR E 15 -1.83 31.73 18.32
C THR E 15 -2.70 30.96 19.25
N GLN E 16 -3.28 29.88 18.73
CA GLN E 16 -3.92 28.90 19.58
C GLN E 16 -3.73 27.50 19.00
N ILE E 17 -3.86 26.53 19.88
CA ILE E 17 -3.75 25.10 19.53
C ILE E 17 -5.16 24.58 19.28
N TYR E 18 -5.34 23.96 18.11
CA TYR E 18 -6.53 23.17 17.79
C TYR E 18 -6.12 21.73 17.84
N THR E 19 -6.88 20.95 18.59
CA THR E 19 -6.71 19.49 18.74
C THR E 19 -7.74 18.82 17.87
N LEU E 20 -7.32 18.34 16.71
CA LEU E 20 -8.21 17.73 15.71
C LEU E 20 -8.32 16.22 15.84
N ASN E 21 -7.19 15.55 16.07
CA ASN E 21 -7.15 14.10 16.14
C ASN E 21 -7.96 13.46 15.01
N ASP E 22 -7.68 13.91 13.79
CA ASP E 22 -8.48 13.50 12.64
C ASP E 22 -7.65 13.70 11.39
N LYS E 23 -7.93 12.90 10.39
CA LYS E 23 -7.29 13.11 9.09
C LYS E 23 -7.88 14.36 8.42
N ILE E 24 -7.18 14.86 7.41
CA ILE E 24 -7.56 16.03 6.68
C ILE E 24 -8.72 15.65 5.77
N PHE E 25 -9.82 16.37 5.86
CA PHE E 25 -11.02 16.14 4.99
C PHE E 25 -10.86 16.61 3.53
N SER E 26 -10.29 17.81 3.32
CA SER E 26 -10.04 18.30 1.96
C SER E 26 -8.72 19.07 1.91
N TYR E 27 -8.13 19.11 0.74
CA TYR E 27 -6.87 19.77 0.48
C TYR E 27 -7.09 20.54 -0.79
N THR E 28 -6.77 21.83 -0.75
CA THR E 28 -6.96 22.72 -1.88
C THR E 28 -5.68 23.48 -2.05
N GLU E 29 -5.20 23.58 -3.26
CA GLU E 29 -4.04 24.41 -3.50
C GLU E 29 -4.21 25.25 -4.78
N SER E 30 -3.55 26.40 -4.77
CA SER E 30 -3.73 27.42 -5.81
C SER E 30 -2.38 27.93 -6.25
N LEU E 31 -2.19 28.06 -7.56
CA LEU E 31 -1.02 28.69 -8.18
C LEU E 31 -1.34 30.11 -8.70
N ALA E 32 -2.56 30.58 -8.43
CA ALA E 32 -3.07 31.86 -8.96
C ALA E 32 -2.28 33.02 -8.38
N GLY E 33 -1.90 33.97 -9.25
CA GLY E 33 -1.13 35.14 -8.84
C GLY E 33 -1.69 35.80 -7.61
N LYS E 34 -0.82 35.96 -6.60
CA LYS E 34 -1.16 36.48 -5.29
C LYS E 34 -2.08 35.62 -4.39
N ARG E 35 -2.44 34.41 -4.83
CA ARG E 35 -3.12 33.45 -3.96
C ARG E 35 -2.38 32.09 -4.07
N GLU E 36 -1.05 32.14 -4.01
CA GLU E 36 -0.21 30.94 -4.03
C GLU E 36 -0.25 30.37 -2.64
N MET E 37 -1.28 29.57 -2.36
CA MET E 37 -1.64 29.14 -1.00
C MET E 37 -2.23 27.72 -0.99
N ALA E 38 -2.44 27.22 0.22
CA ALA E 38 -3.14 25.99 0.48
C ALA E 38 -4.20 26.16 1.56
N ILE E 39 -5.31 25.40 1.42
CA ILE E 39 -6.41 25.41 2.34
C ILE E 39 -6.74 23.98 2.67
N ILE E 40 -6.81 23.67 3.96
CA ILE E 40 -7.27 22.35 4.40
C ILE E 40 -8.51 22.50 5.22
N THR E 41 -9.32 21.46 5.25
CA THR E 41 -10.50 21.43 6.09
C THR E 41 -10.54 20.08 6.77
N PHE E 42 -11.26 20.04 7.86
CA PHE E 42 -11.56 18.88 8.62
C PHE E 42 -13.09 18.68 8.64
N LYS E 43 -13.47 17.41 8.84
CA LYS E 43 -14.86 16.98 8.97
C LYS E 43 -15.70 17.81 9.93
N ASN E 44 -15.09 18.23 11.01
CA ASN E 44 -15.78 19.07 12.02
C ASN E 44 -16.09 20.52 11.54
N GLY E 45 -15.65 20.88 10.33
CA GLY E 45 -15.94 22.15 9.73
C GLY E 45 -14.78 23.13 9.74
N ALA E 46 -13.72 22.77 10.45
CA ALA E 46 -12.59 23.70 10.63
C ALA E 46 -11.86 23.95 9.33
N ILE E 47 -11.47 25.20 9.09
CA ILE E 47 -10.72 25.56 7.85
C ILE E 47 -9.42 26.23 8.22
N PHE E 48 -8.33 25.86 7.56
CA PHE E 48 -7.03 26.48 7.81
C PHE E 48 -6.29 26.74 6.54
N GLN E 49 -5.49 27.81 6.54
CA GLN E 49 -4.63 28.08 5.43
C GLN E 49 -3.14 27.92 5.75
N VAL E 50 -2.37 27.73 4.69
CA VAL E 50 -0.96 28.07 4.70
C VAL E 50 -0.88 29.38 3.89
N GLU E 51 -0.40 30.45 4.53
CA GLU E 51 -0.42 31.79 3.95
C GLU E 51 0.40 31.95 2.72
N VAL E 52 -0.06 32.83 1.84
CA VAL E 52 0.71 33.27 0.69
C VAL E 52 2.01 33.88 1.28
N PRO E 53 3.20 33.49 0.80
CA PRO E 53 4.41 34.09 1.31
C PRO E 53 4.41 35.65 1.16
N GLY E 54 4.94 36.35 2.16
CA GLY E 54 4.62 37.76 2.37
C GLY E 54 5.54 38.48 3.33
N SER E 55 5.29 39.80 3.48
CA SER E 55 6.14 40.68 4.30
CA SER E 55 6.15 40.67 4.29
C SER E 55 6.11 40.30 5.77
N GLN E 56 5.00 39.69 6.22
CA GLN E 56 4.90 39.14 7.59
C GLN E 56 5.78 37.90 7.88
N HIS E 57 6.52 37.42 6.86
CA HIS E 57 7.35 36.22 6.93
C HIS E 57 8.79 36.63 6.73
N ILE E 58 9.66 36.24 7.64
CA ILE E 58 11.13 36.44 7.47
C ILE E 58 11.65 35.45 6.44
N ASP E 59 12.85 35.67 5.88
CA ASP E 59 13.36 34.82 4.82
CA ASP E 59 13.44 34.82 4.84
C ASP E 59 13.53 33.35 5.23
N SER E 60 13.87 33.07 6.50
CA SER E 60 13.94 31.68 6.98
C SER E 60 12.58 30.92 6.93
N GLN E 61 11.46 31.66 6.94
CA GLN E 61 10.15 31.05 6.88
C GLN E 61 9.77 30.60 5.49
N LYS E 62 10.40 31.15 4.47
CA LYS E 62 10.07 30.78 3.08
C LYS E 62 10.27 29.26 2.73
N LYS E 63 11.42 28.64 3.01
CA LYS E 63 11.54 27.19 2.81
C LYS E 63 10.51 26.43 3.64
N ALA E 64 10.21 26.90 4.85
CA ALA E 64 9.33 26.15 5.76
C ALA E 64 7.86 26.21 5.31
N ILE E 65 7.45 27.33 4.73
CA ILE E 65 6.11 27.45 4.12
C ILE E 65 5.97 26.40 3.02
N GLU E 66 6.95 26.29 2.16
CA GLU E 66 6.96 25.29 1.09
C GLU E 66 6.90 23.87 1.67
N ARG E 67 7.64 23.61 2.74
CA ARG E 67 7.65 22.30 3.38
C ARG E 67 6.27 21.97 3.93
N MET E 68 5.63 22.94 4.60
CA MET E 68 4.37 22.70 5.27
C MET E 68 3.29 22.28 4.24
N LYS E 69 3.25 23.00 3.12
CA LYS E 69 2.35 22.59 2.02
C LYS E 69 2.65 21.16 1.53
N ASP E 70 3.94 20.79 1.40
CA ASP E 70 4.34 19.42 1.07
C ASP E 70 3.78 18.44 2.12
N THR E 71 3.97 18.79 3.39
CA THR E 71 3.52 17.97 4.50
C THR E 71 2.00 17.77 4.51
N LEU E 72 1.27 18.85 4.28
CA LEU E 72 -0.20 18.75 4.26
C LEU E 72 -0.70 17.93 3.10
N ARG E 73 -0.05 18.05 1.94
CA ARG E 73 -0.48 17.28 0.78
C ARG E 73 -0.25 15.77 1.01
N ILE E 74 0.91 15.38 1.52
CA ILE E 74 1.19 13.96 1.76
C ILE E 74 0.38 13.46 2.92
N ALA E 75 0.15 14.29 3.93
CA ALA E 75 -0.71 13.87 4.99
C ALA E 75 -2.11 13.59 4.48
N TYR E 76 -2.63 14.48 3.64
CA TYR E 76 -4.02 14.30 3.12
C TYR E 76 -4.08 12.96 2.37
N LEU E 77 -3.10 12.72 1.51
CA LEU E 77 -3.08 11.55 0.62
C LEU E 77 -2.82 10.22 1.28
N THR E 78 -2.20 10.23 2.46
CA THR E 78 -2.04 9.00 3.27
C THR E 78 -3.07 8.88 4.40
N GLU E 79 -4.06 9.78 4.45
CA GLU E 79 -5.03 9.84 5.51
C GLU E 79 -4.35 9.86 6.88
N ALA E 80 -3.25 10.61 6.98
CA ALA E 80 -2.52 10.70 8.25
C ALA E 80 -3.31 11.45 9.30
N LYS E 81 -3.35 10.95 10.52
CA LYS E 81 -4.07 11.61 11.57
CA LYS E 81 -4.08 11.61 11.59
C LYS E 81 -3.27 12.83 12.00
N VAL E 82 -3.92 13.99 11.95
CA VAL E 82 -3.37 15.22 12.49
C VAL E 82 -3.83 15.29 13.96
N GLU E 83 -2.86 15.41 14.87
CA GLU E 83 -3.15 15.56 16.28
C GLU E 83 -3.54 17.02 16.57
N LYS E 84 -2.56 17.91 16.41
CA LYS E 84 -2.71 19.33 16.72
C LYS E 84 -2.26 20.22 15.59
N LEU E 85 -2.91 21.39 15.50
CA LEU E 85 -2.40 22.50 14.69
C LEU E 85 -2.24 23.73 15.61
N CYS E 86 -1.08 24.36 15.50
CA CYS E 86 -0.83 25.69 16.03
C CYS E 86 -1.12 26.65 14.91
N VAL E 87 -2.07 27.53 15.16
CA VAL E 87 -2.49 28.47 14.15
C VAL E 87 -2.52 29.90 14.68
N TRP E 88 -2.30 30.82 13.75
CA TRP E 88 -2.51 32.25 14.02
C TRP E 88 -3.99 32.55 13.87
N ASN E 89 -4.60 33.10 14.91
CA ASN E 89 -6.03 33.43 14.92
C ASN E 89 -6.38 34.87 14.51
N ASN E 90 -5.40 35.59 13.96
CA ASN E 90 -5.61 36.95 13.48
C ASN E 90 -5.54 36.98 11.94
N LYS E 91 -5.78 35.81 11.33
CA LYS E 91 -5.91 35.64 9.91
C LYS E 91 -7.19 34.86 9.73
N THR E 92 -7.80 35.04 8.57
CA THR E 92 -9.03 34.36 8.19
C THR E 92 -8.84 33.81 6.78
N PRO E 93 -8.97 32.49 6.61
CA PRO E 93 -8.96 31.50 7.64
C PRO E 93 -7.70 31.56 8.54
N HIS E 94 -7.80 30.99 9.72
CA HIS E 94 -6.64 30.84 10.63
C HIS E 94 -5.46 30.16 9.90
N ALA E 95 -4.24 30.65 10.15
CA ALA E 95 -3.09 30.32 9.32
C ALA E 95 -2.19 29.36 10.09
N ILE E 96 -1.77 28.29 9.45
CA ILE E 96 -1.00 27.26 10.12
C ILE E 96 0.42 27.78 10.37
N ALA E 97 0.83 27.65 11.63
CA ALA E 97 2.21 27.83 12.06
C ALA E 97 2.96 26.51 12.35
N ALA E 98 2.24 25.51 12.85
CA ALA E 98 2.85 24.24 13.15
C ALA E 98 1.81 23.11 13.15
N ILE E 99 2.33 21.90 12.92
CA ILE E 99 1.46 20.69 12.88
C ILE E 99 2.12 19.57 13.68
N SER E 100 1.33 18.78 14.40
CA SER E 100 1.81 17.54 14.97
C SER E 100 0.98 16.35 14.47
N MET E 101 1.62 15.23 14.21
CA MET E 101 0.93 14.02 13.71
C MET E 101 1.34 12.91 14.66
N ALA E 102 0.35 12.14 15.09
CA ALA E 102 0.54 10.95 15.88
C ALA E 102 -0.71 10.16 15.66
N ASN E 103 -0.59 8.84 15.72
CA ASN E 103 -1.80 8.03 15.72
C ASN E 103 -1.64 6.84 16.64
N THR F 1 -36.65 -4.68 9.40
CA THR F 1 -35.16 -4.85 9.36
C THR F 1 -34.57 -3.49 9.65
N PRO F 2 -33.61 -3.40 10.58
CA PRO F 2 -32.99 -2.11 10.86
C PRO F 2 -32.10 -1.63 9.71
N GLN F 3 -31.87 -0.33 9.68
CA GLN F 3 -31.08 0.29 8.63
C GLN F 3 -29.76 0.85 9.06
N ASN F 4 -29.48 0.83 10.36
CA ASN F 4 -28.20 1.26 10.88
C ASN F 4 -27.91 0.48 12.14
N ILE F 5 -26.69 0.60 12.61
CA ILE F 5 -26.26 -0.10 13.79
C ILE F 5 -26.97 0.34 15.06
N THR F 6 -27.29 1.63 15.19
CA THR F 6 -27.96 2.12 16.41
C THR F 6 -29.38 1.47 16.54
N ASP F 7 -30.09 1.35 15.45
CA ASP F 7 -31.45 0.79 15.52
C ASP F 7 -31.43 -0.73 15.72
N LEU F 8 -30.40 -1.36 15.12
CA LEU F 8 -30.22 -2.79 15.27
C LEU F 8 -29.97 -3.08 16.74
N CYS F 9 -29.06 -2.31 17.32
CA CYS F 9 -28.66 -2.53 18.69
CA CYS F 9 -28.66 -2.49 18.72
C CYS F 9 -29.87 -2.41 19.65
N ALA F 10 -30.71 -1.44 19.38
CA ALA F 10 -31.91 -1.16 20.17
C ALA F 10 -32.96 -2.29 20.13
N GLU F 11 -32.85 -3.20 19.18
CA GLU F 11 -33.71 -4.36 19.14
C GLU F 11 -33.39 -5.36 20.25
N TYR F 12 -32.20 -5.30 20.86
CA TYR F 12 -31.76 -6.28 21.81
C TYR F 12 -31.76 -5.70 23.24
N HIS F 13 -31.82 -6.60 24.19
CA HIS F 13 -31.78 -6.26 25.62
C HIS F 13 -30.34 -6.28 26.14
N ASN F 14 -30.00 -5.37 27.06
CA ASN F 14 -28.67 -5.39 27.68
C ASN F 14 -27.58 -5.05 26.63
N THR F 15 -27.92 -4.30 25.58
CA THR F 15 -26.90 -3.82 24.63
C THR F 15 -26.73 -2.33 24.78
N GLN F 16 -25.62 -1.84 24.27
CA GLN F 16 -25.45 -0.42 24.12
C GLN F 16 -24.46 -0.13 23.03
N ILE F 17 -24.53 1.12 22.52
CA ILE F 17 -23.66 1.61 21.47
C ILE F 17 -22.53 2.36 22.09
N TYR F 18 -21.31 2.03 21.70
CA TYR F 18 -20.11 2.79 22.07
C TYR F 18 -19.70 3.45 20.76
N THR F 19 -19.40 4.73 20.80
CA THR F 19 -18.96 5.45 19.61
C THR F 19 -17.47 5.73 19.81
N LEU F 20 -16.64 5.03 19.07
CA LEU F 20 -15.22 5.08 19.22
C LEU F 20 -14.65 6.10 18.25
N ASN F 21 -15.05 6.09 16.99
CA ASN F 21 -14.44 6.94 15.95
C ASN F 21 -12.94 6.89 16.02
N ASP F 22 -12.38 5.68 16.12
CA ASP F 22 -10.94 5.49 16.22
C ASP F 22 -10.56 4.09 15.70
N LYS F 23 -9.31 3.95 15.29
CA LYS F 23 -8.76 2.65 14.90
C LYS F 23 -8.64 1.77 16.13
N ILE F 24 -8.59 0.46 15.90
CA ILE F 24 -8.35 -0.49 16.98
C ILE F 24 -6.89 -0.32 17.42
N PHE F 25 -6.68 -0.21 18.73
CA PHE F 25 -5.34 -0.07 19.30
C PHE F 25 -4.59 -1.39 19.43
N SER F 26 -5.29 -2.45 19.78
CA SER F 26 -4.65 -3.78 19.90
C SER F 26 -5.65 -4.86 19.54
N TYR F 27 -5.11 -5.93 18.96
CA TYR F 27 -5.88 -7.11 18.59
C TYR F 27 -5.23 -8.36 19.21
N THR F 28 -6.04 -9.15 19.91
CA THR F 28 -5.60 -10.40 20.60
C THR F 28 -6.51 -11.52 20.17
N GLU F 29 -5.91 -12.66 19.87
CA GLU F 29 -6.70 -13.86 19.68
C GLU F 29 -5.98 -15.06 20.27
N SER F 30 -6.84 -16.00 20.66
CA SER F 30 -6.45 -17.22 21.33
C SER F 30 -7.09 -18.48 20.70
N LEU F 31 -6.27 -19.52 20.62
CA LEU F 31 -6.69 -20.85 20.24
C LEU F 31 -6.76 -21.79 21.42
N ALA F 32 -6.46 -21.32 22.63
CA ALA F 32 -6.47 -22.21 23.78
C ALA F 32 -7.88 -22.73 24.07
N GLY F 33 -7.96 -23.98 24.49
CA GLY F 33 -9.23 -24.63 24.73
C GLY F 33 -10.12 -23.97 25.73
N LYS F 34 -11.37 -23.73 25.31
CA LYS F 34 -12.37 -23.00 26.09
C LYS F 34 -12.14 -21.48 26.11
N ARG F 35 -11.09 -21.03 25.42
CA ARG F 35 -10.84 -19.59 25.29
C ARG F 35 -10.55 -19.26 23.83
N GLU F 36 -11.39 -19.77 22.94
CA GLU F 36 -11.23 -19.55 21.50
C GLU F 36 -11.97 -18.21 21.19
N MET F 37 -11.26 -17.09 21.34
CA MET F 37 -11.90 -15.78 21.41
C MET F 37 -10.95 -14.73 20.86
N ALA F 38 -11.48 -13.53 20.66
CA ALA F 38 -10.64 -12.37 20.28
C ALA F 38 -10.96 -11.26 21.25
N ILE F 39 -9.97 -10.40 21.47
CA ILE F 39 -10.13 -9.23 22.34
C ILE F 39 -9.54 -8.03 21.61
N ILE F 40 -10.28 -6.94 21.58
CA ILE F 40 -9.73 -5.70 21.01
C ILE F 40 -9.76 -4.64 22.04
N THR F 41 -8.82 -3.70 21.88
CA THR F 41 -8.82 -2.51 22.71
C THR F 41 -8.70 -1.26 21.89
N PHE F 42 -9.12 -0.14 22.50
CA PHE F 42 -8.94 1.18 21.94
C PHE F 42 -8.05 2.02 22.86
N LYS F 43 -7.49 3.08 22.28
CA LYS F 43 -6.58 4.04 22.95
C LYS F 43 -7.22 4.62 24.20
N ASN F 44 -8.53 4.81 24.17
CA ASN F 44 -9.24 5.37 25.34
C ASN F 44 -9.38 4.38 26.48
N GLY F 45 -8.91 3.15 26.34
CA GLY F 45 -9.02 2.17 27.40
C GLY F 45 -10.12 1.14 27.25
N ALA F 46 -11.04 1.32 26.30
CA ALA F 46 -12.16 0.39 26.15
C ALA F 46 -11.63 -0.96 25.70
N ILE F 47 -12.22 -2.01 26.26
CA ILE F 47 -11.88 -3.41 25.94
C ILE F 47 -13.14 -4.14 25.59
N PHE F 48 -13.08 -4.87 24.46
CA PHE F 48 -14.23 -5.64 23.99
C PHE F 48 -13.80 -7.04 23.59
N GLN F 49 -14.71 -8.02 23.73
CA GLN F 49 -14.44 -9.39 23.24
C GLN F 49 -15.36 -9.74 22.11
N VAL F 50 -14.86 -10.63 21.26
CA VAL F 50 -15.75 -11.53 20.51
C VAL F 50 -15.81 -12.83 21.31
N GLU F 51 -17.00 -13.21 21.74
CA GLU F 51 -17.17 -14.30 22.67
C GLU F 51 -16.76 -15.66 22.12
N VAL F 52 -16.30 -16.49 23.03
CA VAL F 52 -16.16 -17.92 22.78
C VAL F 52 -17.57 -18.41 22.39
N PRO F 53 -17.69 -19.16 21.30
CA PRO F 53 -19.04 -19.59 20.89
C PRO F 53 -19.65 -20.50 21.98
N GLY F 54 -20.93 -20.32 22.28
CA GLY F 54 -21.57 -21.01 23.39
C GLY F 54 -23.07 -21.05 23.16
N SER F 55 -23.77 -21.62 24.13
CA SER F 55 -25.21 -21.75 24.04
C SER F 55 -26.00 -20.40 24.07
N GLN F 56 -25.36 -19.29 24.45
CA GLN F 56 -25.96 -17.93 24.31
C GLN F 56 -26.11 -17.49 22.85
N HIS F 57 -25.45 -18.20 21.95
CA HIS F 57 -25.49 -17.95 20.56
C HIS F 57 -26.30 -18.99 19.86
N ILE F 58 -27.36 -18.57 19.14
CA ILE F 58 -28.07 -19.51 18.26
C ILE F 58 -27.15 -19.93 17.14
N ASP F 59 -27.43 -21.08 16.53
CA ASP F 59 -26.48 -21.65 15.58
C ASP F 59 -26.05 -20.74 14.41
N SER F 60 -27.03 -20.03 13.86
CA SER F 60 -26.81 -19.07 12.76
C SER F 60 -25.79 -17.98 13.15
N GLN F 61 -25.64 -17.71 14.45
CA GLN F 61 -24.60 -16.76 14.87
C GLN F 61 -23.18 -17.27 14.76
N LYS F 62 -22.97 -18.60 14.73
CA LYS F 62 -21.61 -19.12 14.75
C LYS F 62 -20.81 -18.64 13.54
N LYS F 63 -21.39 -18.70 12.34
CA LYS F 63 -20.69 -18.25 11.13
CA LYS F 63 -20.69 -18.27 11.15
C LYS F 63 -20.40 -16.75 11.23
N ALA F 64 -21.30 -16.03 11.85
CA ALA F 64 -21.13 -14.57 11.99
C ALA F 64 -20.05 -14.21 13.05
N ILE F 65 -19.93 -15.04 14.08
CA ILE F 65 -18.85 -14.87 15.06
C ILE F 65 -17.49 -14.99 14.34
N GLU F 66 -17.38 -16.01 13.47
CA GLU F 66 -16.11 -16.26 12.78
C GLU F 66 -15.87 -15.09 11.81
N ARG F 67 -16.91 -14.61 11.14
CA ARG F 67 -16.78 -13.42 10.30
C ARG F 67 -16.30 -12.18 11.08
N MET F 68 -16.85 -11.97 12.27
CA MET F 68 -16.51 -10.79 13.08
C MET F 68 -15.04 -10.80 13.44
N LYS F 69 -14.51 -11.97 13.79
CA LYS F 69 -13.08 -12.04 14.10
C LYS F 69 -12.24 -11.75 12.86
N ASP F 70 -12.66 -12.21 11.69
CA ASP F 70 -11.95 -11.86 10.44
C ASP F 70 -11.98 -10.33 10.22
N THR F 71 -13.13 -9.75 10.42
CA THR F 71 -13.34 -8.30 10.25
C THR F 71 -12.48 -7.47 11.18
N LEU F 72 -12.46 -7.85 12.45
CA LEU F 72 -11.67 -7.12 13.43
C LEU F 72 -10.17 -7.22 13.11
N ARG F 73 -9.74 -8.40 12.65
CA ARG F 73 -8.33 -8.57 12.30
C ARG F 73 -7.94 -7.68 11.14
N ILE F 74 -8.70 -7.71 10.07
CA ILE F 74 -8.37 -6.89 8.91
C ILE F 74 -8.56 -5.40 9.22
N ALA F 75 -9.57 -5.06 10.03
CA ALA F 75 -9.72 -3.66 10.46
C ALA F 75 -8.47 -3.18 11.22
N TYR F 76 -7.99 -3.99 12.16
CA TYR F 76 -6.79 -3.67 12.93
C TYR F 76 -5.61 -3.46 11.97
N LEU F 77 -5.42 -4.40 11.05
CA LEU F 77 -4.27 -4.36 10.16
C LEU F 77 -4.29 -3.27 9.11
N THR F 78 -5.47 -2.81 8.77
CA THR F 78 -5.65 -1.63 7.87
C THR F 78 -5.75 -0.28 8.58
N GLU F 79 -5.71 -0.29 9.91
CA GLU F 79 -5.98 0.91 10.68
C GLU F 79 -7.34 1.57 10.34
N ALA F 80 -8.37 0.75 10.12
CA ALA F 80 -9.66 1.25 9.74
C ALA F 80 -10.37 1.86 10.92
N LYS F 81 -10.93 3.03 10.70
CA LYS F 81 -11.63 3.71 11.76
C LYS F 81 -12.90 2.94 12.09
N VAL F 82 -13.05 2.59 13.36
CA VAL F 82 -14.29 2.00 13.89
C VAL F 82 -15.18 3.17 14.31
N GLU F 83 -16.36 3.22 13.74
CA GLU F 83 -17.35 4.24 14.10
C GLU F 83 -18.03 3.84 15.43
N LYS F 84 -18.87 2.79 15.40
CA LYS F 84 -19.63 2.39 16.57
C LYS F 84 -19.48 0.89 16.79
N LEU F 85 -19.62 0.46 18.03
CA LEU F 85 -19.82 -0.95 18.36
C LEU F 85 -21.07 -1.09 19.13
N CYS F 86 -21.89 -2.08 18.79
CA CYS F 86 -23.01 -2.48 19.61
C CYS F 86 -22.48 -3.64 20.46
N VAL F 87 -22.58 -3.53 21.78
CA VAL F 87 -22.04 -4.54 22.66
C VAL F 87 -23.07 -4.95 23.72
N TRP F 88 -22.99 -6.21 24.13
CA TRP F 88 -23.70 -6.67 25.33
C TRP F 88 -22.93 -6.22 26.57
N ASN F 89 -23.64 -5.50 27.42
CA ASN F 89 -23.01 -4.99 28.60
C ASN F 89 -23.22 -5.87 29.83
N ASN F 90 -23.87 -7.04 29.65
CA ASN F 90 -23.96 -8.09 30.70
C ASN F 90 -22.82 -9.14 30.61
N LYS F 91 -21.74 -8.81 29.92
CA LYS F 91 -20.57 -9.65 29.80
C LYS F 91 -19.38 -8.78 30.09
N THR F 92 -18.31 -9.42 30.54
CA THR F 92 -17.05 -8.77 30.87
C THR F 92 -15.89 -9.52 30.23
N PRO F 93 -15.09 -8.90 29.37
CA PRO F 93 -15.35 -7.59 28.73
C PRO F 93 -16.70 -7.54 28.02
N HIS F 94 -17.17 -6.34 27.73
CA HIS F 94 -18.41 -6.19 26.94
C HIS F 94 -18.20 -6.93 25.61
N ALA F 95 -19.23 -7.62 25.18
CA ALA F 95 -19.17 -8.56 24.05
C ALA F 95 -19.73 -7.92 22.79
N ILE F 96 -19.01 -8.01 21.68
CA ILE F 96 -19.42 -7.40 20.45
C ILE F 96 -20.62 -8.13 19.80
N ALA F 97 -21.65 -7.34 19.49
CA ALA F 97 -22.76 -7.79 18.64
C ALA F 97 -22.71 -7.23 17.22
N ALA F 98 -22.21 -6.00 17.06
CA ALA F 98 -22.17 -5.41 15.72
C ALA F 98 -21.13 -4.31 15.69
N ILE F 99 -20.60 -4.08 14.50
CA ILE F 99 -19.62 -3.02 14.26
C ILE F 99 -20.03 -2.17 13.08
N SER F 100 -19.73 -0.87 13.13
CA SER F 100 -19.80 -0.02 11.95
C SER F 100 -18.50 0.70 11.70
N MET F 101 -18.15 0.82 10.43
CA MET F 101 -16.90 1.49 10.05
C MET F 101 -17.27 2.56 9.03
N ALA F 102 -16.75 3.76 9.21
CA ALA F 102 -16.99 4.89 8.32
C ALA F 102 -15.79 5.80 8.55
N ASN F 103 -15.29 6.46 7.51
CA ASN F 103 -14.26 7.48 7.75
C ASN F 103 -14.24 8.52 6.66
N THR G 1 -26.03 -17.31 -20.75
CA THR G 1 -25.94 -16.73 -19.38
C THR G 1 -25.82 -15.23 -19.49
N PRO G 2 -26.37 -14.47 -18.52
CA PRO G 2 -26.17 -13.03 -18.68
C PRO G 2 -24.69 -12.64 -18.65
N GLN G 3 -24.36 -11.59 -19.41
CA GLN G 3 -23.00 -11.12 -19.55
C GLN G 3 -22.63 -9.87 -18.75
N ASN G 4 -23.58 -9.30 -18.04
CA ASN G 4 -23.36 -8.11 -17.26
C ASN G 4 -24.43 -8.00 -16.19
N ILE G 5 -24.23 -7.12 -15.25
CA ILE G 5 -25.15 -6.99 -14.10
C ILE G 5 -26.56 -6.53 -14.51
N THR G 6 -26.66 -5.70 -15.55
CA THR G 6 -27.97 -5.12 -15.98
C THR G 6 -28.81 -6.24 -16.56
N ASP G 7 -28.22 -7.01 -17.47
CA ASP G 7 -28.92 -8.18 -18.04
C ASP G 7 -29.27 -9.22 -16.98
N LEU G 8 -28.33 -9.51 -16.07
CA LEU G 8 -28.64 -10.42 -14.97
C LEU G 8 -29.82 -9.97 -14.15
N CYS G 9 -29.81 -8.72 -13.75
CA CYS G 9 -30.85 -8.17 -12.90
CA CYS G 9 -30.86 -8.13 -12.92
C CYS G 9 -32.21 -8.27 -13.63
N ALA G 10 -32.19 -8.01 -14.91
CA ALA G 10 -33.38 -8.03 -15.76
C ALA G 10 -33.98 -9.41 -15.95
N GLU G 11 -33.28 -10.52 -15.59
CA GLU G 11 -33.87 -11.85 -15.60
C GLU G 11 -34.83 -12.12 -14.46
N TYR G 12 -34.88 -11.24 -13.46
CA TYR G 12 -35.66 -11.46 -12.24
C TYR G 12 -36.86 -10.50 -12.16
N HIS G 13 -37.76 -10.78 -11.22
CA HIS G 13 -38.91 -9.98 -11.01
C HIS G 13 -38.64 -9.16 -9.74
N ASN G 14 -39.09 -7.92 -9.68
CA ASN G 14 -38.95 -7.10 -8.48
C ASN G 14 -37.47 -6.81 -8.15
N THR G 15 -36.61 -6.78 -9.16
CA THR G 15 -35.24 -6.33 -8.96
C THR G 15 -35.06 -5.02 -9.70
N GLN G 16 -34.06 -4.26 -9.29
CA GLN G 16 -33.76 -2.98 -9.92
C GLN G 16 -32.28 -2.67 -9.86
N ILE G 17 -31.76 -2.02 -10.90
CA ILE G 17 -30.39 -1.50 -10.91
C ILE G 17 -30.31 -0.12 -10.27
N TYR G 18 -29.35 0.06 -9.36
CA TYR G 18 -28.95 1.38 -8.81
C TYR G 18 -27.56 1.64 -9.30
N THR G 19 -27.35 2.80 -9.91
CA THR G 19 -26.06 3.21 -10.39
C THR G 19 -25.52 4.13 -9.32
N LEU G 20 -24.50 3.68 -8.62
CA LEU G 20 -23.89 4.48 -7.55
C LEU G 20 -22.62 5.19 -8.06
N ASN G 21 -21.78 4.51 -8.82
CA ASN G 21 -20.47 5.06 -9.22
C ASN G 21 -19.70 5.77 -8.10
N ASP G 22 -19.65 5.12 -6.95
CA ASP G 22 -19.03 5.67 -5.76
C ASP G 22 -18.50 4.57 -4.87
N LYS G 23 -17.57 4.92 -4.01
CA LYS G 23 -17.15 4.00 -2.96
C LYS G 23 -18.19 3.88 -1.90
N ILE G 24 -18.09 2.81 -1.12
CA ILE G 24 -18.96 2.60 0.04
C ILE G 24 -18.57 3.59 1.14
N PHE G 25 -19.58 4.27 1.68
CA PHE G 25 -19.34 5.27 2.70
C PHE G 25 -19.24 4.63 4.09
N SER G 26 -20.11 3.68 4.38
CA SER G 26 -20.03 2.99 5.66
C SER G 26 -20.35 1.48 5.46
N TYR G 27 -19.74 0.67 6.29
CA TYR G 27 -19.91 -0.80 6.30
C TYR G 27 -20.30 -1.17 7.72
N THR G 28 -21.40 -1.89 7.90
CA THR G 28 -21.86 -2.36 9.18
C THR G 28 -22.09 -3.88 9.10
N GLU G 29 -21.63 -4.62 10.12
CA GLU G 29 -22.00 -6.04 10.20
C GLU G 29 -22.39 -6.43 11.61
N SER G 30 -23.27 -7.41 11.68
CA SER G 30 -23.88 -7.82 12.91
C SER G 30 -23.78 -9.33 13.01
N LEU G 31 -23.46 -9.82 14.22
CA LEU G 31 -23.48 -11.23 14.51
C LEU G 31 -24.62 -11.57 15.45
N ALA G 32 -25.49 -10.59 15.74
CA ALA G 32 -26.60 -10.79 16.71
C ALA G 32 -27.63 -11.74 16.12
N GLY G 33 -28.24 -12.53 17.01
CA GLY G 33 -29.17 -13.57 16.63
C GLY G 33 -30.37 -13.03 15.87
N LYS G 34 -30.63 -13.62 14.71
CA LYS G 34 -31.64 -13.22 13.72
C LYS G 34 -31.29 -11.93 12.99
N ARG G 35 -30.14 -11.31 13.27
CA ARG G 35 -29.70 -10.16 12.48
C ARG G 35 -28.27 -10.38 12.02
N GLU G 36 -27.99 -11.57 11.47
CA GLU G 36 -26.67 -11.91 10.97
C GLU G 36 -26.59 -11.36 9.55
N MET G 37 -26.11 -10.11 9.44
CA MET G 37 -26.32 -9.34 8.20
C MET G 37 -25.26 -8.28 8.06
N ALA G 38 -25.17 -7.74 6.84
CA ALA G 38 -24.36 -6.55 6.61
C ALA G 38 -25.27 -5.44 6.04
N ILE G 39 -24.85 -4.20 6.28
CA ILE G 39 -25.51 -3.03 5.76
C ILE G 39 -24.45 -2.08 5.25
N ILE G 40 -24.62 -1.60 4.03
CA ILE G 40 -23.72 -0.56 3.50
C ILE G 40 -24.49 0.70 3.20
N THR G 41 -23.77 1.84 3.20
CA THR G 41 -24.38 3.09 2.82
C THR G 41 -23.45 3.77 1.84
N PHE G 42 -24.06 4.69 1.09
CA PHE G 42 -23.34 5.58 0.22
C PHE G 42 -23.64 7.01 0.64
N LYS G 43 -22.73 7.89 0.26
CA LYS G 43 -22.79 9.31 0.60
C LYS G 43 -24.08 10.00 0.18
N ASN G 44 -24.66 9.56 -0.91
CA ASN G 44 -25.95 10.12 -1.34
C ASN G 44 -27.16 9.75 -0.48
N GLY G 45 -26.94 8.89 0.52
CA GLY G 45 -28.01 8.46 1.43
C GLY G 45 -28.59 7.09 1.17
N ALA G 46 -28.15 6.42 0.08
CA ALA G 46 -28.65 5.10 -0.20
C ALA G 46 -28.14 4.11 0.85
N ILE G 47 -29.01 3.20 1.27
CA ILE G 47 -28.70 2.15 2.22
C ILE G 47 -29.14 0.83 1.62
N PHE G 48 -28.24 -0.15 1.69
CA PHE G 48 -28.52 -1.50 1.23
C PHE G 48 -28.11 -2.57 2.20
N GLN G 49 -28.82 -3.71 2.17
CA GLN G 49 -28.47 -4.86 3.03
C GLN G 49 -28.02 -6.07 2.22
N VAL G 50 -27.22 -6.91 2.85
CA VAL G 50 -27.16 -8.34 2.50
C VAL G 50 -28.07 -9.00 3.54
N GLU G 51 -29.13 -9.63 3.04
CA GLU G 51 -30.14 -10.20 3.94
C GLU G 51 -29.61 -11.28 4.86
N VAL G 52 -30.22 -11.38 6.02
CA VAL G 52 -30.07 -12.54 6.89
C VAL G 52 -30.47 -13.81 6.11
N PRO G 53 -29.62 -14.87 6.13
CA PRO G 53 -30.00 -16.04 5.36
C PRO G 53 -31.32 -16.62 5.88
N GLY G 54 -32.19 -17.11 4.98
CA GLY G 54 -33.57 -17.43 5.34
C GLY G 54 -34.25 -18.28 4.28
N SER G 55 -35.54 -18.57 4.50
CA SER G 55 -36.36 -19.46 3.64
CA SER G 55 -36.25 -19.51 3.62
C SER G 55 -36.59 -18.90 2.25
N GLN G 56 -36.40 -17.59 2.08
CA GLN G 56 -36.41 -16.97 0.74
C GLN G 56 -35.20 -17.37 -0.13
N HIS G 57 -34.19 -18.02 0.46
CA HIS G 57 -32.94 -18.32 -0.23
C HIS G 57 -32.83 -19.81 -0.44
N ILE G 58 -32.36 -20.22 -1.61
CA ILE G 58 -32.09 -21.63 -1.88
C ILE G 58 -30.68 -21.96 -1.39
N ASP G 59 -30.34 -23.23 -1.26
CA ASP G 59 -29.04 -23.61 -0.67
CA ASP G 59 -29.06 -23.57 -0.63
C ASP G 59 -27.87 -23.02 -1.42
N SER G 60 -27.95 -22.96 -2.75
CA SER G 60 -26.82 -22.43 -3.53
C SER G 60 -26.58 -20.95 -3.21
N GLN G 61 -27.59 -20.27 -2.69
CA GLN G 61 -27.44 -18.83 -2.36
C GLN G 61 -26.71 -18.61 -1.04
N LYS G 62 -26.73 -19.59 -0.14
CA LYS G 62 -26.15 -19.45 1.20
C LYS G 62 -24.67 -19.10 1.11
N LYS G 63 -23.93 -19.86 0.29
CA LYS G 63 -22.51 -19.61 0.10
C LYS G 63 -22.32 -18.28 -0.56
N ALA G 64 -23.16 -17.92 -1.52
CA ALA G 64 -22.97 -16.64 -2.24
C ALA G 64 -23.30 -15.43 -1.33
N ILE G 65 -24.21 -15.59 -0.36
CA ILE G 65 -24.48 -14.56 0.66
C ILE G 65 -23.27 -14.28 1.50
N GLU G 66 -22.58 -15.36 1.92
CA GLU G 66 -21.33 -15.21 2.65
C GLU G 66 -20.25 -14.52 1.80
N ARG G 67 -20.13 -14.88 0.54
CA ARG G 67 -19.18 -14.23 -0.36
C ARG G 67 -19.50 -12.74 -0.54
N MET G 68 -20.77 -12.39 -0.66
CA MET G 68 -21.11 -11.00 -0.87
C MET G 68 -20.70 -10.15 0.34
N LYS G 69 -20.92 -10.62 1.56
CA LYS G 69 -20.44 -9.90 2.72
C LYS G 69 -18.93 -9.74 2.71
N ASP G 70 -18.20 -10.78 2.32
CA ASP G 70 -16.75 -10.69 2.15
C ASP G 70 -16.40 -9.59 1.12
N THR G 71 -17.10 -9.58 0.00
CA THR G 71 -16.82 -8.63 -1.09
C THR G 71 -17.07 -7.18 -0.64
N LEU G 72 -18.15 -6.97 0.10
CA LEU G 72 -18.53 -5.60 0.52
C LEU G 72 -17.49 -5.09 1.53
N ARG G 73 -17.05 -5.96 2.43
CA ARG G 73 -16.02 -5.60 3.44
C ARG G 73 -14.73 -5.14 2.78
N ILE G 74 -14.23 -5.95 1.87
CA ILE G 74 -12.92 -5.64 1.24
CA ILE G 74 -12.94 -5.64 1.24
C ILE G 74 -13.07 -4.48 0.26
N ALA G 75 -14.22 -4.36 -0.42
CA ALA G 75 -14.50 -3.18 -1.27
C ALA G 75 -14.49 -1.89 -0.42
N TYR G 76 -15.12 -1.95 0.76
CA TYR G 76 -15.11 -0.78 1.62
C TYR G 76 -13.65 -0.41 2.04
N LEU G 77 -12.89 -1.42 2.47
CA LEU G 77 -11.50 -1.22 3.00
C LEU G 77 -10.53 -0.80 1.94
N THR G 78 -10.83 -1.10 0.67
CA THR G 78 -9.99 -0.72 -0.46
C THR G 78 -10.54 0.54 -1.16
N GLU G 79 -11.62 1.10 -0.65
CA GLU G 79 -12.23 2.28 -1.27
C GLU G 79 -12.57 2.02 -2.73
N ALA G 80 -12.99 0.78 -3.03
CA ALA G 80 -13.23 0.40 -4.40
C ALA G 80 -14.52 1.06 -4.87
N LYS G 81 -14.48 1.61 -6.08
CA LYS G 81 -15.66 2.23 -6.62
C LYS G 81 -16.70 1.15 -6.94
N VAL G 82 -17.91 1.31 -6.43
CA VAL G 82 -19.04 0.49 -6.82
C VAL G 82 -19.70 1.15 -8.03
N GLU G 83 -19.84 0.37 -9.09
CA GLU G 83 -20.54 0.81 -10.30
C GLU G 83 -22.06 0.73 -10.07
N LYS G 84 -22.56 -0.49 -10.01
CA LYS G 84 -23.99 -0.77 -9.96
C LYS G 84 -24.27 -1.79 -8.90
N LEU G 85 -25.47 -1.70 -8.31
CA LEU G 85 -26.03 -2.81 -7.54
C LEU G 85 -27.33 -3.23 -8.16
N CYS G 86 -27.54 -4.54 -8.24
CA CYS G 86 -28.86 -5.12 -8.50
C CYS G 86 -29.46 -5.45 -7.15
N VAL G 87 -30.65 -4.90 -6.88
CA VAL G 87 -31.28 -5.08 -5.61
C VAL G 87 -32.72 -5.52 -5.74
N TRP G 88 -33.20 -6.23 -4.73
CA TRP G 88 -34.64 -6.49 -4.58
C TRP G 88 -35.20 -5.26 -3.89
N ASN G 89 -36.05 -4.56 -4.60
CA ASN G 89 -36.58 -3.27 -4.14
C ASN G 89 -37.89 -3.31 -3.33
N ASN G 90 -38.27 -4.51 -2.96
CA ASN G 90 -39.43 -4.85 -2.15
C ASN G 90 -39.00 -5.13 -0.71
N LYS G 91 -37.72 -4.96 -0.41
CA LYS G 91 -37.19 -5.11 0.92
C LYS G 91 -36.71 -3.75 1.41
N THR G 92 -36.74 -3.54 2.72
CA THR G 92 -36.22 -2.32 3.31
C THR G 92 -35.20 -2.64 4.38
N PRO G 93 -33.98 -2.11 4.28
CA PRO G 93 -33.40 -1.51 3.07
C PRO G 93 -33.43 -2.46 1.92
N HIS G 94 -33.25 -1.93 0.72
CA HIS G 94 -33.23 -2.81 -0.43
C HIS G 94 -32.08 -3.83 -0.31
N ALA G 95 -32.34 -5.03 -0.80
CA ALA G 95 -31.45 -6.19 -0.58
C ALA G 95 -30.60 -6.43 -1.79
N ILE G 96 -29.30 -6.60 -1.57
CA ILE G 96 -28.38 -6.80 -2.69
C ILE G 96 -28.51 -8.18 -3.28
N ALA G 97 -28.61 -8.21 -4.60
CA ALA G 97 -28.54 -9.43 -5.40
C ALA G 97 -27.25 -9.57 -6.19
N ALA G 98 -26.68 -8.45 -6.63
CA ALA G 98 -25.42 -8.44 -7.36
C ALA G 98 -24.78 -7.10 -7.28
N ILE G 99 -23.47 -7.10 -7.54
CA ILE G 99 -22.65 -5.93 -7.47
C ILE G 99 -21.70 -5.94 -8.65
N SER G 100 -21.41 -4.74 -9.15
CA SER G 100 -20.35 -4.57 -10.16
C SER G 100 -19.43 -3.46 -9.71
N MET G 101 -18.16 -3.66 -9.99
CA MET G 101 -17.07 -2.77 -9.65
C MET G 101 -16.27 -2.53 -10.89
N ALA G 102 -16.06 -1.26 -11.17
CA ALA G 102 -15.24 -0.86 -12.28
C ALA G 102 -14.68 0.48 -11.88
N ASN G 103 -13.48 0.78 -12.32
CA ASN G 103 -12.96 2.14 -12.12
C ASN G 103 -11.86 2.48 -13.10
N THR H 1 0.98 -34.84 -15.04
CA THR H 1 0.51 -33.51 -14.55
C THR H 1 1.04 -32.37 -15.42
N PRO H 2 0.17 -31.40 -15.77
CA PRO H 2 0.65 -30.32 -16.62
C PRO H 2 1.57 -29.40 -15.85
N GLN H 3 2.46 -28.77 -16.57
CA GLN H 3 3.46 -27.88 -15.96
C GLN H 3 3.16 -26.42 -16.26
N ASN H 4 2.07 -26.13 -16.98
CA ASN H 4 1.78 -24.78 -17.47
C ASN H 4 0.27 -24.73 -17.81
N ILE H 5 -0.31 -23.55 -17.83
CA ILE H 5 -1.70 -23.39 -18.16
C ILE H 5 -2.05 -23.89 -19.60
N THR H 6 -1.12 -23.75 -20.55
CA THR H 6 -1.40 -24.19 -21.92
C THR H 6 -1.50 -25.70 -21.98
N ASP H 7 -0.62 -26.46 -21.28
CA ASP H 7 -0.67 -27.92 -21.24
C ASP H 7 -1.94 -28.36 -20.57
N LEU H 8 -2.29 -27.67 -19.47
CA LEU H 8 -3.51 -28.02 -18.73
C LEU H 8 -4.74 -27.87 -19.60
N CYS H 9 -4.80 -26.75 -20.30
CA CYS H 9 -5.97 -26.40 -21.08
CA CYS H 9 -5.94 -26.36 -21.13
C CYS H 9 -6.19 -27.40 -22.23
N ALA H 10 -5.08 -27.93 -22.77
CA ALA H 10 -5.14 -28.91 -23.86
C ALA H 10 -5.67 -30.26 -23.43
N GLU H 11 -5.82 -30.52 -22.15
CA GLU H 11 -6.36 -31.76 -21.69
C GLU H 11 -7.88 -31.81 -21.84
N TYR H 12 -8.52 -30.71 -22.18
CA TYR H 12 -10.02 -30.62 -22.14
C TYR H 12 -10.56 -30.32 -23.51
N HIS H 13 -11.74 -30.86 -23.79
CA HIS H 13 -12.47 -30.47 -24.97
C HIS H 13 -13.11 -29.11 -24.83
N ASN H 14 -13.27 -28.43 -25.95
CA ASN H 14 -14.00 -27.15 -26.04
C ASN H 14 -13.34 -26.07 -25.18
N THR H 15 -12.01 -26.05 -25.15
CA THR H 15 -11.30 -25.00 -24.40
C THR H 15 -10.41 -24.22 -25.33
N GLN H 16 -10.06 -23.02 -24.93
CA GLN H 16 -9.04 -22.31 -25.58
C GLN H 16 -8.36 -21.38 -24.61
N ILE H 17 -7.12 -21.04 -24.98
CA ILE H 17 -6.30 -20.07 -24.23
C ILE H 17 -6.54 -18.68 -24.76
N TYR H 18 -6.92 -17.73 -23.89
CA TYR H 18 -6.87 -16.31 -24.27
C TYR H 18 -5.66 -15.67 -23.58
N THR H 19 -4.87 -14.90 -24.32
CA THR H 19 -3.78 -14.14 -23.73
C THR H 19 -4.23 -12.66 -23.53
N LEU H 20 -4.39 -12.24 -22.27
CA LEU H 20 -4.80 -10.87 -21.95
C LEU H 20 -3.65 -9.89 -21.63
N ASN H 21 -2.69 -10.32 -20.82
CA ASN H 21 -1.65 -9.43 -20.30
C ASN H 21 -2.20 -8.07 -19.90
N ASP H 22 -3.24 -8.10 -19.08
CA ASP H 22 -3.87 -6.88 -18.65
C ASP H 22 -4.61 -7.16 -17.35
N LYS H 23 -4.86 -6.08 -16.60
CA LYS H 23 -5.62 -6.19 -15.38
C LYS H 23 -7.06 -6.35 -15.76
N ILE H 24 -7.84 -6.83 -14.79
CA ILE H 24 -9.27 -6.91 -14.97
C ILE H 24 -9.93 -5.52 -14.94
N PHE H 25 -10.78 -5.23 -15.95
CA PHE H 25 -11.42 -3.92 -16.05
C PHE H 25 -12.63 -3.83 -15.13
N SER H 26 -13.38 -4.91 -15.05
CA SER H 26 -14.50 -4.95 -14.13
C SER H 26 -14.76 -6.31 -13.52
N TYR H 27 -15.37 -6.26 -12.34
CA TYR H 27 -15.68 -7.47 -11.57
C TYR H 27 -17.13 -7.38 -11.08
N THR H 28 -17.92 -8.41 -11.38
CA THR H 28 -19.32 -8.50 -11.09
C THR H 28 -19.56 -9.80 -10.37
N GLU H 29 -20.37 -9.76 -9.34
CA GLU H 29 -20.68 -10.93 -8.58
C GLU H 29 -22.14 -10.94 -8.18
N SER H 30 -22.76 -12.13 -8.19
CA SER H 30 -24.18 -12.29 -8.00
C SER H 30 -24.51 -13.40 -7.01
N LEU H 31 -25.49 -13.14 -6.14
CA LEU H 31 -26.02 -14.16 -5.23
C LEU H 31 -27.47 -14.54 -5.58
N ALA H 32 -27.96 -14.03 -6.70
CA ALA H 32 -29.33 -14.32 -7.19
C ALA H 32 -29.46 -15.81 -7.51
N GLY H 33 -30.61 -16.38 -7.14
CA GLY H 33 -30.86 -17.79 -7.26
C GLY H 33 -30.69 -18.32 -8.68
N LYS H 34 -29.86 -19.35 -8.78
CA LYS H 34 -29.39 -19.92 -10.01
C LYS H 34 -28.49 -19.03 -10.87
N ARG H 35 -28.07 -17.88 -10.32
CA ARG H 35 -27.05 -17.08 -11.00
C ARG H 35 -25.97 -16.71 -9.98
N GLU H 36 -25.58 -17.69 -9.20
CA GLU H 36 -24.50 -17.51 -8.17
C GLU H 36 -23.18 -17.64 -8.92
N MET H 37 -22.72 -16.52 -9.45
CA MET H 37 -21.63 -16.51 -10.39
C MET H 37 -20.84 -15.20 -10.29
N ALA H 38 -19.72 -15.18 -10.98
CA ALA H 38 -18.92 -13.99 -11.19
C ALA H 38 -18.69 -13.80 -12.67
N ILE H 39 -18.55 -12.53 -13.03
CA ILE H 39 -18.25 -12.08 -14.41
C ILE H 39 -17.10 -11.07 -14.36
N ILE H 40 -16.09 -11.23 -15.22
CA ILE H 40 -14.99 -10.27 -15.35
C ILE H 40 -14.94 -9.82 -16.78
N THR H 41 -14.52 -8.57 -16.96
CA THR H 41 -14.29 -8.02 -18.29
C THR H 41 -12.90 -7.41 -18.37
N PHE H 42 -12.44 -7.21 -19.57
CA PHE H 42 -11.15 -6.58 -19.87
C PHE H 42 -11.42 -5.41 -20.79
N LYS H 43 -10.45 -4.50 -20.82
CA LYS H 43 -10.61 -3.25 -21.55
CA LYS H 43 -10.49 -3.25 -21.58
C LYS H 43 -10.75 -3.52 -23.06
N ASN H 44 -10.17 -4.61 -23.55
CA ASN H 44 -10.34 -5.03 -24.95
C ASN H 44 -11.75 -5.54 -25.31
N GLY H 45 -12.68 -5.56 -24.36
CA GLY H 45 -14.05 -6.06 -24.60
C GLY H 45 -14.34 -7.49 -24.17
N ALA H 46 -13.33 -8.28 -23.81
CA ALA H 46 -13.55 -9.68 -23.50
C ALA H 46 -14.32 -9.84 -22.21
N ILE H 47 -15.23 -10.78 -22.20
CA ILE H 47 -16.08 -11.05 -21.04
C ILE H 47 -15.94 -12.50 -20.69
N PHE H 48 -15.73 -12.84 -19.39
CA PHE H 48 -15.67 -14.21 -18.95
C PHE H 48 -16.47 -14.43 -17.67
N GLN H 49 -16.95 -15.65 -17.48
CA GLN H 49 -17.62 -16.03 -16.24
C GLN H 49 -16.88 -17.11 -15.47
N VAL H 50 -17.14 -17.17 -14.18
CA VAL H 50 -17.01 -18.36 -13.43
C VAL H 50 -18.42 -18.89 -13.31
N GLU H 51 -18.63 -20.11 -13.83
CA GLU H 51 -19.96 -20.69 -13.89
C GLU H 51 -20.56 -20.97 -12.52
N VAL H 52 -21.88 -20.90 -12.53
CA VAL H 52 -22.69 -21.39 -11.45
C VAL H 52 -22.37 -22.86 -11.27
N PRO H 53 -22.11 -23.31 -10.03
CA PRO H 53 -21.93 -24.75 -9.80
C PRO H 53 -23.15 -25.55 -10.28
N GLY H 54 -22.93 -26.65 -10.95
CA GLY H 54 -23.98 -27.37 -11.69
C GLY H 54 -23.55 -28.83 -11.97
N SER H 55 -24.31 -29.47 -12.86
CA SER H 55 -24.09 -30.86 -13.34
C SER H 55 -22.82 -31.13 -14.12
N GLN H 56 -22.34 -30.16 -14.87
CA GLN H 56 -21.03 -30.30 -15.52
C GLN H 56 -19.82 -30.32 -14.55
N HIS H 57 -20.05 -30.20 -13.22
CA HIS H 57 -18.98 -30.12 -12.23
C HIS H 57 -18.99 -31.32 -11.31
N ILE H 58 -17.82 -31.88 -11.05
CA ILE H 58 -17.66 -32.97 -10.05
C ILE H 58 -17.39 -32.38 -8.66
N ASP H 59 -17.56 -33.17 -7.62
CA ASP H 59 -17.48 -32.67 -6.24
CA ASP H 59 -17.46 -32.70 -6.23
C ASP H 59 -16.14 -31.98 -5.97
N SER H 60 -15.06 -32.50 -6.56
CA SER H 60 -13.72 -31.90 -6.38
C SER H 60 -13.62 -30.46 -6.94
N GLN H 61 -14.47 -30.08 -7.88
CA GLN H 61 -14.39 -28.75 -8.46
C GLN H 61 -15.07 -27.67 -7.62
N LYS H 62 -15.89 -28.07 -6.66
CA LYS H 62 -16.72 -27.12 -5.89
C LYS H 62 -15.84 -26.13 -5.13
N LYS H 63 -14.90 -26.65 -4.36
CA LYS H 63 -13.96 -25.80 -3.64
C LYS H 63 -13.10 -24.97 -4.59
N ALA H 64 -12.74 -25.54 -5.72
CA ALA H 64 -11.91 -24.80 -6.68
C ALA H 64 -12.67 -23.65 -7.39
N ILE H 65 -13.97 -23.83 -7.60
CA ILE H 65 -14.82 -22.81 -8.16
C ILE H 65 -14.87 -21.58 -7.17
N GLU H 66 -15.03 -21.90 -5.91
CA GLU H 66 -15.06 -20.85 -4.87
C GLU H 66 -13.71 -20.11 -4.78
N ARG H 67 -12.64 -20.90 -4.84
CA ARG H 67 -11.31 -20.32 -4.88
C ARG H 67 -11.14 -19.38 -6.07
N MET H 68 -11.58 -19.79 -7.25
CA MET H 68 -11.39 -18.98 -8.45
C MET H 68 -12.08 -17.59 -8.31
N LYS H 69 -13.30 -17.57 -7.78
CA LYS H 69 -13.98 -16.30 -7.52
C LYS H 69 -13.21 -15.44 -6.50
N ASP H 70 -12.65 -16.06 -5.45
CA ASP H 70 -11.74 -15.36 -4.51
C ASP H 70 -10.53 -14.74 -5.25
N THR H 71 -9.95 -15.52 -6.15
CA THR H 71 -8.79 -15.08 -6.89
C THR H 71 -9.10 -13.91 -7.78
N LEU H 72 -10.22 -13.99 -8.50
CA LEU H 72 -10.54 -12.93 -9.43
C LEU H 72 -10.85 -11.62 -8.68
N ARG H 73 -11.51 -11.70 -7.53
CA ARG H 73 -11.83 -10.54 -6.72
C ARG H 73 -10.55 -9.85 -6.26
N ILE H 74 -9.62 -10.61 -5.74
CA ILE H 74 -8.39 -10.02 -5.21
CA ILE H 74 -8.40 -10.01 -5.21
C ILE H 74 -7.49 -9.54 -6.33
N ALA H 75 -7.48 -10.27 -7.43
CA ALA H 75 -6.73 -9.79 -8.62
C ALA H 75 -7.28 -8.43 -9.09
N TYR H 76 -8.60 -8.29 -9.16
CA TYR H 76 -9.24 -7.05 -9.56
C TYR H 76 -8.81 -5.91 -8.61
N LEU H 77 -8.94 -6.18 -7.32
CA LEU H 77 -8.66 -5.15 -6.32
C LEU H 77 -7.17 -4.79 -6.16
N THR H 78 -6.28 -5.65 -6.61
CA THR H 78 -4.83 -5.34 -6.58
C THR H 78 -4.34 -4.90 -7.93
N GLU H 79 -5.24 -4.78 -8.88
CA GLU H 79 -4.92 -4.47 -10.28
C GLU H 79 -3.89 -5.43 -10.81
N ALA H 80 -4.00 -6.71 -10.44
CA ALA H 80 -2.99 -7.71 -10.87
C ALA H 80 -3.12 -8.02 -12.35
N LYS H 81 -1.98 -8.08 -13.06
CA LYS H 81 -2.01 -8.47 -14.46
C LYS H 81 -2.37 -9.95 -14.64
N VAL H 82 -3.44 -10.22 -15.40
CA VAL H 82 -3.79 -11.53 -15.85
C VAL H 82 -2.98 -11.79 -17.11
N GLU H 83 -2.28 -12.91 -17.11
CA GLU H 83 -1.54 -13.31 -18.27
C GLU H 83 -2.45 -14.06 -19.26
N LYS H 84 -2.88 -15.26 -18.89
CA LYS H 84 -3.74 -16.08 -19.75
C LYS H 84 -4.94 -16.55 -18.99
N LEU H 85 -6.00 -16.80 -19.71
CA LEU H 85 -7.12 -17.59 -19.20
C LEU H 85 -7.35 -18.79 -20.12
N CYS H 86 -7.61 -19.93 -19.50
CA CYS H 86 -8.07 -21.10 -20.17
C CYS H 86 -9.57 -21.07 -19.94
N VAL H 87 -10.31 -21.13 -21.05
CA VAL H 87 -11.76 -21.02 -20.98
C VAL H 87 -12.48 -22.01 -21.90
N TRP H 88 -13.65 -22.44 -21.44
CA TRP H 88 -14.56 -23.26 -22.26
C TRP H 88 -15.24 -22.28 -23.22
N ASN H 89 -15.09 -22.50 -24.53
CA ASN H 89 -15.63 -21.62 -25.55
C ASN H 89 -17.03 -22.07 -26.07
N ASN H 90 -17.64 -23.03 -25.41
CA ASN H 90 -19.02 -23.47 -25.74
C ASN H 90 -20.01 -22.99 -24.68
N LYS H 91 -19.64 -21.93 -23.96
CA LYS H 91 -20.49 -21.23 -22.98
C LYS H 91 -20.42 -19.78 -23.34
N THR H 92 -21.43 -19.03 -22.93
CA THR H 92 -21.56 -17.62 -23.22
C THR H 92 -21.98 -16.90 -21.90
N PRO H 93 -21.18 -16.01 -21.32
CA PRO H 93 -19.76 -15.76 -21.70
C PRO H 93 -18.89 -17.02 -21.58
N HIS H 94 -17.73 -17.02 -22.26
CA HIS H 94 -16.79 -18.11 -22.08
C HIS H 94 -16.48 -18.36 -20.57
N ALA H 95 -16.43 -19.62 -20.17
CA ALA H 95 -16.31 -20.03 -18.76
C ALA H 95 -14.86 -20.31 -18.38
N ILE H 96 -14.42 -19.68 -17.30
CA ILE H 96 -13.03 -19.84 -16.88
C ILE H 96 -12.76 -21.24 -16.30
N ALA H 97 -11.74 -21.90 -16.83
CA ALA H 97 -11.18 -23.11 -16.29
C ALA H 97 -9.90 -22.93 -15.49
N ALA H 98 -9.08 -21.96 -15.89
CA ALA H 98 -7.79 -21.70 -15.25
C ALA H 98 -7.31 -20.27 -15.59
N ILE H 99 -6.43 -19.75 -14.72
CA ILE H 99 -5.91 -18.40 -14.86
C ILE H 99 -4.42 -18.46 -14.54
N SER H 100 -3.66 -17.69 -15.27
CA SER H 100 -2.26 -17.41 -14.92
C SER H 100 -2.06 -15.94 -14.80
N MET H 101 -1.21 -15.58 -13.82
CA MET H 101 -0.88 -14.21 -13.51
C MET H 101 0.65 -14.12 -13.50
N ALA H 102 1.15 -13.08 -14.14
CA ALA H 102 2.60 -12.82 -14.23
C ALA H 102 2.72 -11.32 -14.58
N ASN H 103 3.73 -10.64 -14.08
CA ASN H 103 3.93 -9.26 -14.50
C ASN H 103 5.37 -8.84 -14.34
N THR I 1 9.44 -32.64 17.23
CA THR I 1 8.91 -31.69 16.19
C THR I 1 10.08 -30.91 15.60
N PRO I 2 10.16 -30.79 14.26
CA PRO I 2 11.20 -30.01 13.66
C PRO I 2 11.06 -28.50 13.94
N GLN I 3 12.18 -27.80 13.93
CA GLN I 3 12.18 -26.39 14.21
C GLN I 3 12.32 -25.49 13.01
N ASN I 4 12.46 -26.07 11.83
CA ASN I 4 12.59 -25.31 10.60
C ASN I 4 12.27 -26.19 9.43
N ILE I 5 12.18 -25.56 8.26
CA ILE I 5 11.79 -26.22 7.04
C ILE I 5 12.78 -27.31 6.60
N THR I 6 14.06 -27.04 6.83
CA THR I 6 15.10 -27.97 6.41
C THR I 6 15.00 -29.27 7.21
N ASP I 7 14.82 -29.15 8.51
CA ASP I 7 14.68 -30.32 9.34
C ASP I 7 13.38 -31.07 9.09
N LEU I 8 12.32 -30.32 8.84
CA LEU I 8 11.04 -30.93 8.51
C LEU I 8 11.18 -31.76 7.22
N CYS I 9 11.81 -31.18 6.23
CA CYS I 9 11.93 -31.81 4.94
CA CYS I 9 11.97 -31.80 4.94
C CYS I 9 12.70 -33.14 5.05
N ALA I 10 13.69 -33.20 5.93
CA ALA I 10 14.53 -34.40 6.15
C ALA I 10 13.79 -35.56 6.76
N GLU I 11 12.61 -35.33 7.32
CA GLU I 11 11.77 -36.36 7.88
C GLU I 11 11.05 -37.24 6.86
N TYR I 12 11.08 -36.89 5.59
CA TYR I 12 10.35 -37.52 4.52
C TYR I 12 11.29 -38.04 3.45
N HIS I 13 10.96 -39.18 2.84
CA HIS I 13 11.69 -39.64 1.66
C HIS I 13 11.28 -38.87 0.44
N ASN I 14 12.19 -38.82 -0.53
CA ASN I 14 11.91 -38.29 -1.87
C ASN I 14 11.55 -36.82 -1.80
N THR I 15 12.18 -36.10 -0.86
CA THR I 15 12.06 -34.65 -0.82
C THR I 15 13.40 -33.99 -0.89
N GLN I 16 13.40 -32.73 -1.33
CA GLN I 16 14.58 -31.92 -1.25
C GLN I 16 14.19 -30.45 -0.98
N ILE I 17 15.10 -29.70 -0.41
CA ILE I 17 14.98 -28.25 -0.23
C ILE I 17 15.45 -27.54 -1.48
N TYR I 18 14.62 -26.66 -2.02
CA TYR I 18 15.03 -25.73 -3.05
C TYR I 18 15.12 -24.37 -2.39
N THR I 19 16.27 -23.73 -2.50
CA THR I 19 16.46 -22.39 -1.97
C THR I 19 16.32 -21.36 -3.08
N LEU I 20 15.23 -20.63 -3.06
CA LEU I 20 14.94 -19.64 -4.11
C LEU I 20 15.35 -18.26 -3.76
N ASN I 21 15.13 -17.85 -2.49
CA ASN I 21 15.39 -16.45 -2.12
C ASN I 21 14.91 -15.46 -3.20
N ASP I 22 13.65 -15.61 -3.63
CA ASP I 22 13.10 -14.78 -4.67
C ASP I 22 11.58 -14.79 -4.59
N LYS I 23 10.97 -13.75 -5.16
CA LYS I 23 9.51 -13.69 -5.24
CA LYS I 23 9.51 -13.67 -5.27
C LYS I 23 9.03 -14.67 -6.31
N ILE I 24 7.75 -15.06 -6.19
CA ILE I 24 7.10 -15.87 -7.22
C ILE I 24 6.91 -15.05 -8.52
N PHE I 25 7.36 -15.62 -9.63
CA PHE I 25 7.30 -15.01 -10.91
C PHE I 25 5.92 -15.16 -11.57
N SER I 26 5.32 -16.33 -11.44
CA SER I 26 3.94 -16.52 -11.94
C SER I 26 3.16 -17.47 -11.03
N TYR I 27 1.87 -17.24 -11.00
CA TYR I 27 0.89 -18.01 -10.22
C TYR I 27 -0.22 -18.45 -11.19
N THR I 28 -0.49 -19.74 -11.22
CA THR I 28 -1.51 -20.33 -12.04
C THR I 28 -2.40 -21.17 -11.17
N GLU I 29 -3.72 -21.06 -11.37
CA GLU I 29 -4.63 -22.00 -10.71
C GLU I 29 -5.72 -22.44 -11.63
N SER I 30 -6.21 -23.63 -11.35
CA SER I 30 -7.21 -24.31 -12.19
C SER I 30 -8.38 -24.89 -11.36
N LEU I 31 -9.60 -24.75 -11.89
CA LEU I 31 -10.76 -25.41 -11.30
C LEU I 31 -11.22 -26.56 -12.18
N ALA I 32 -10.47 -26.89 -13.23
CA ALA I 32 -10.89 -27.98 -14.14
C ALA I 32 -10.87 -29.33 -13.44
N GLY I 33 -11.86 -30.16 -13.79
CA GLY I 33 -12.05 -31.41 -13.09
C GLY I 33 -10.82 -32.32 -13.22
N LYS I 34 -10.41 -32.85 -12.08
CA LYS I 34 -9.20 -33.69 -11.94
C LYS I 34 -7.89 -32.89 -12.04
N ARG I 35 -7.98 -31.57 -12.27
CA ARG I 35 -6.80 -30.70 -12.28
C ARG I 35 -7.00 -29.47 -11.36
N GLU I 36 -7.60 -29.69 -10.21
CA GLU I 36 -7.83 -28.60 -9.24
C GLU I 36 -6.52 -28.38 -8.47
N MET I 37 -5.67 -27.54 -9.01
CA MET I 37 -4.27 -27.44 -8.57
C MET I 37 -3.78 -26.01 -8.78
N ALA I 38 -2.60 -25.71 -8.23
CA ALA I 38 -1.93 -24.48 -8.49
C ALA I 38 -0.53 -24.81 -8.99
N ILE I 39 0.00 -23.92 -9.81
CA ILE I 39 1.37 -24.04 -10.30
C ILE I 39 2.05 -22.67 -10.13
N ILE I 40 3.26 -22.64 -9.57
CA ILE I 40 4.03 -21.44 -9.48
C ILE I 40 5.32 -21.61 -10.25
N THR I 41 5.87 -20.49 -10.68
CA THR I 41 7.21 -20.47 -11.29
C THR I 41 8.01 -19.35 -10.68
N PHE I 42 9.33 -19.48 -10.82
CA PHE I 42 10.29 -18.48 -10.48
C PHE I 42 11.10 -18.08 -11.71
N LYS I 43 11.67 -16.88 -11.65
CA LYS I 43 12.44 -16.25 -12.75
CA LYS I 43 12.36 -16.30 -12.80
C LYS I 43 13.52 -17.16 -13.31
N ASN I 44 14.15 -17.92 -12.43
CA ASN I 44 15.19 -18.89 -12.84
C ASN I 44 14.67 -20.08 -13.65
N GLY I 45 13.36 -20.24 -13.76
CA GLY I 45 12.77 -21.30 -14.51
C GLY I 45 12.24 -22.44 -13.70
N ALA I 46 12.38 -22.41 -12.37
CA ALA I 46 11.87 -23.49 -11.58
C ALA I 46 10.32 -23.43 -11.59
N ILE I 47 9.70 -24.59 -11.69
CA ILE I 47 8.26 -24.77 -11.67
C ILE I 47 7.90 -25.71 -10.50
N PHE I 48 6.87 -25.37 -9.76
CA PHE I 48 6.33 -26.18 -8.69
C PHE I 48 4.80 -26.24 -8.70
N GLN I 49 4.27 -27.33 -8.13
CA GLN I 49 2.85 -27.53 -8.04
C GLN I 49 2.40 -27.70 -6.61
N VAL I 50 1.16 -27.30 -6.37
CA VAL I 50 0.44 -27.92 -5.24
C VAL I 50 -0.46 -28.96 -5.87
N GLU I 51 -0.28 -30.20 -5.44
CA GLU I 51 -0.91 -31.35 -6.09
C GLU I 51 -2.43 -31.29 -5.94
N VAL I 52 -3.10 -31.95 -6.86
CA VAL I 52 -4.51 -32.20 -6.76
C VAL I 52 -4.69 -33.15 -5.57
N PRO I 53 -5.63 -32.84 -4.66
CA PRO I 53 -5.91 -33.82 -3.60
C PRO I 53 -6.30 -35.18 -4.16
N GLY I 54 -5.85 -36.24 -3.48
CA GLY I 54 -5.89 -37.64 -3.97
C GLY I 54 -5.50 -38.59 -2.83
N SER I 55 -5.27 -39.88 -3.13
CA SER I 55 -5.03 -40.88 -2.06
C SER I 55 -3.57 -40.97 -1.54
N GLN I 56 -2.62 -40.27 -2.15
CA GLN I 56 -1.34 -40.03 -1.48
C GLN I 56 -1.46 -39.12 -0.22
N HIS I 57 -2.63 -38.50 -0.05
CA HIS I 57 -2.90 -37.52 1.02
C HIS I 57 -3.78 -38.12 2.07
N ILE I 58 -3.45 -37.85 3.32
CA ILE I 58 -4.26 -38.28 4.43
C ILE I 58 -5.24 -37.15 4.73
N ASP I 59 -6.28 -37.47 5.49
CA ASP I 59 -7.32 -36.49 5.78
C ASP I 59 -6.81 -35.19 6.36
N SER I 60 -5.84 -35.28 7.27
CA SER I 60 -5.25 -34.09 7.90
C SER I 60 -4.59 -33.14 6.92
N GLN I 61 -4.23 -33.61 5.74
CA GLN I 61 -3.58 -32.76 4.74
C GLN I 61 -4.57 -31.95 3.89
N LYS I 62 -5.86 -32.28 3.90
CA LYS I 62 -6.84 -31.60 3.02
C LYS I 62 -6.91 -30.09 3.26
N LYS I 63 -7.06 -29.69 4.52
CA LYS I 63 -7.09 -28.29 4.88
CA LYS I 63 -7.10 -28.28 4.86
C LYS I 63 -5.77 -27.59 4.58
N ALA I 64 -4.67 -28.31 4.74
CA ALA I 64 -3.32 -27.70 4.60
C ALA I 64 -3.01 -27.47 3.14
N ILE I 65 -3.49 -28.33 2.27
CA ILE I 65 -3.39 -28.12 0.82
C ILE I 65 -4.13 -26.84 0.38
N GLU I 66 -5.34 -26.66 0.92
CA GLU I 66 -6.15 -25.45 0.63
C GLU I 66 -5.41 -24.20 1.13
N ARG I 67 -4.92 -24.26 2.38
CA ARG I 67 -4.10 -23.20 2.93
C ARG I 67 -2.86 -22.91 2.06
N MET I 68 -2.16 -23.94 1.58
CA MET I 68 -0.98 -23.67 0.79
C MET I 68 -1.28 -22.86 -0.47
N LYS I 69 -2.38 -23.15 -1.14
CA LYS I 69 -2.77 -22.42 -2.32
C LYS I 69 -3.20 -20.98 -1.94
N ASP I 70 -3.84 -20.80 -0.79
CA ASP I 70 -4.04 -19.47 -0.28
C ASP I 70 -2.69 -18.72 -0.07
N THR I 71 -1.71 -19.40 0.56
CA THR I 71 -0.42 -18.79 0.82
C THR I 71 0.32 -18.36 -0.45
N LEU I 72 0.33 -19.26 -1.44
CA LEU I 72 1.04 -18.95 -2.66
C LEU I 72 0.38 -17.76 -3.38
N ARG I 73 -0.95 -17.70 -3.40
CA ARG I 73 -1.63 -16.62 -4.06
C ARG I 73 -1.26 -15.29 -3.41
N ILE I 74 -1.37 -15.22 -2.08
CA ILE I 74 -1.09 -13.97 -1.42
C ILE I 74 0.38 -13.60 -1.43
N ALA I 75 1.26 -14.61 -1.34
CA ALA I 75 2.73 -14.40 -1.53
C ALA I 75 2.97 -13.82 -2.89
N TYR I 76 2.33 -14.38 -3.93
CA TYR I 76 2.52 -13.84 -5.30
C TYR I 76 2.06 -12.35 -5.39
N LEU I 77 0.87 -12.07 -4.87
CA LEU I 77 0.30 -10.72 -4.92
C LEU I 77 1.02 -9.68 -4.06
N THR I 78 1.72 -10.12 -3.03
CA THR I 78 2.49 -9.15 -2.19
C THR I 78 3.95 -9.14 -2.59
N GLU I 79 4.33 -9.90 -3.61
CA GLU I 79 5.76 -10.03 -3.98
C GLU I 79 6.65 -10.49 -2.79
N ALA I 80 6.11 -11.37 -1.97
CA ALA I 80 6.83 -11.90 -0.84
C ALA I 80 7.99 -12.77 -1.24
N LYS I 81 9.18 -12.49 -0.70
CA LYS I 81 10.35 -13.36 -0.94
C LYS I 81 10.11 -14.77 -0.39
N VAL I 82 10.18 -15.75 -1.26
CA VAL I 82 10.14 -17.11 -0.86
C VAL I 82 11.59 -17.54 -0.56
N GLU I 83 11.85 -18.00 0.65
CA GLU I 83 13.18 -18.46 1.01
C GLU I 83 13.41 -19.84 0.46
N LYS I 84 12.70 -20.83 1.01
CA LYS I 84 12.86 -22.22 0.64
C LYS I 84 11.51 -22.86 0.38
N LEU I 85 11.52 -23.88 -0.49
CA LEU I 85 10.43 -24.84 -0.60
C LEU I 85 11.00 -26.19 -0.30
N CYS I 86 10.28 -26.96 0.51
CA CYS I 86 10.48 -28.40 0.64
C CYS I 86 9.56 -29.05 -0.40
N VAL I 87 10.11 -29.86 -1.30
CA VAL I 87 9.32 -30.41 -2.39
C VAL I 87 9.52 -31.92 -2.54
N TRP I 88 8.48 -32.60 -2.98
CA TRP I 88 8.58 -33.97 -3.46
C TRP I 88 9.16 -33.96 -4.86
N ASN I 89 10.44 -34.35 -4.95
CA ASN I 89 11.16 -34.24 -6.20
C ASN I 89 10.99 -35.43 -7.13
N ASN I 90 10.07 -36.33 -6.80
CA ASN I 90 9.65 -37.39 -7.74
CA ASN I 90 9.58 -37.43 -7.64
C ASN I 90 8.50 -36.97 -8.65
N LYS I 91 7.84 -35.88 -8.32
CA LYS I 91 6.71 -35.39 -9.09
C LYS I 91 7.18 -34.41 -10.14
N THR I 92 6.45 -34.32 -11.23
CA THR I 92 6.70 -33.32 -12.25
C THR I 92 5.43 -32.47 -12.41
N PRO I 93 5.47 -31.15 -12.17
CA PRO I 93 6.59 -30.47 -11.53
C PRO I 93 6.72 -30.93 -10.09
N HIS I 94 7.83 -30.59 -9.45
CA HIS I 94 8.02 -31.01 -8.11
C HIS I 94 6.88 -30.45 -7.24
N ALA I 95 6.41 -31.25 -6.32
CA ALA I 95 5.21 -30.92 -5.52
C ALA I 95 5.59 -30.31 -4.18
N ILE I 96 4.96 -29.16 -3.86
CA ILE I 96 5.25 -28.47 -2.59
C ILE I 96 4.75 -29.22 -1.38
N ALA I 97 5.65 -29.41 -0.42
CA ALA I 97 5.32 -29.92 0.91
C ALA I 97 5.30 -28.81 1.97
N ALA I 98 6.18 -27.82 1.82
CA ALA I 98 6.29 -26.70 2.79
C ALA I 98 6.96 -25.55 2.12
N ILE I 99 6.70 -24.38 2.69
CA ILE I 99 7.31 -23.15 2.19
C ILE I 99 7.82 -22.35 3.38
N SER I 100 8.92 -21.65 3.18
CA SER I 100 9.37 -20.63 4.09
C SER I 100 9.52 -19.28 3.38
N MET I 101 9.10 -18.22 4.08
CA MET I 101 9.25 -16.85 3.63
C MET I 101 10.03 -16.03 4.65
N ALA I 102 10.98 -15.26 4.15
CA ALA I 102 11.80 -14.43 5.02
C ALA I 102 12.38 -13.35 4.12
N ASN I 103 12.67 -12.18 4.69
CA ASN I 103 13.29 -11.08 3.92
C ASN I 103 13.90 -10.06 4.88
N THR J 1 -14.14 -14.46 32.21
CA THR J 1 -13.47 -14.36 30.89
C THR J 1 -12.32 -13.36 31.03
N PRO J 2 -11.10 -13.73 30.60
CA PRO J 2 -9.99 -12.82 30.71
C PRO J 2 -10.16 -11.56 29.84
N GLN J 3 -9.47 -10.48 30.22
CA GLN J 3 -9.56 -9.21 29.48
C GLN J 3 -8.32 -8.90 28.66
N ASN J 4 -7.34 -9.80 28.71
CA ASN J 4 -6.09 -9.65 28.02
C ASN J 4 -5.34 -10.95 27.94
N ILE J 5 -4.29 -10.94 27.13
CA ILE J 5 -3.50 -12.13 26.88
C ILE J 5 -2.80 -12.70 28.11
N THR J 6 -2.33 -11.83 28.97
CA THR J 6 -1.59 -12.22 30.17
C THR J 6 -2.50 -13.01 31.14
N ASP J 7 -3.69 -12.50 31.36
CA ASP J 7 -4.67 -13.18 32.22
C ASP J 7 -5.16 -14.47 31.61
N LEU J 8 -5.35 -14.46 30.29
CA LEU J 8 -5.73 -15.69 29.59
C LEU J 8 -4.64 -16.77 29.73
N CYS J 9 -3.39 -16.39 29.50
CA CYS J 9 -2.28 -17.32 29.55
CA CYS J 9 -2.27 -17.30 29.57
C CYS J 9 -2.15 -17.99 30.93
N ALA J 10 -2.37 -17.22 31.98
CA ALA J 10 -2.33 -17.65 33.34
C ALA J 10 -3.40 -18.66 33.69
N GLU J 11 -4.43 -18.83 32.86
CA GLU J 11 -5.41 -19.88 33.13
C GLU J 11 -4.96 -21.33 32.80
N TYR J 12 -3.85 -21.47 32.11
CA TYR J 12 -3.35 -22.75 31.65
C TYR J 12 -2.07 -23.16 32.35
N HIS J 13 -1.85 -24.46 32.45
CA HIS J 13 -0.62 -24.98 32.93
C HIS J 13 0.39 -25.01 31.80
N ASN J 14 1.66 -24.90 32.16
CA ASN J 14 2.77 -25.04 31.24
C ASN J 14 2.83 -23.95 30.15
N THR J 15 2.37 -22.75 30.50
CA THR J 15 2.42 -21.61 29.59
C THR J 15 3.28 -20.48 30.14
N GLN J 16 3.69 -19.63 29.23
CA GLN J 16 4.50 -18.45 29.52
CA GLN J 16 4.31 -18.37 29.60
C GLN J 16 4.20 -17.34 28.52
N ILE J 17 4.31 -16.06 28.93
CA ILE J 17 4.22 -14.95 28.02
C ILE J 17 5.62 -14.62 27.57
N TYR J 18 5.77 -14.51 26.26
CA TYR J 18 6.97 -13.96 25.63
C TYR J 18 6.59 -12.62 25.09
N THR J 19 7.37 -11.58 25.40
CA THR J 19 7.08 -10.22 24.96
C THR J 19 8.06 -9.89 23.90
N LEU J 20 7.61 -9.85 22.65
CA LEU J 20 8.48 -9.69 21.51
C LEU J 20 8.61 -8.27 21.07
N ASN J 21 7.50 -7.54 21.01
CA ASN J 21 7.46 -6.21 20.41
C ASN J 21 8.27 -6.10 19.16
N ASP J 22 7.98 -7.00 18.24
CA ASP J 22 8.71 -7.04 16.98
C ASP J 22 7.87 -7.72 15.93
N LYS J 23 8.21 -7.46 14.69
CA LYS J 23 7.52 -8.12 13.60
CA LYS J 23 7.59 -8.12 13.54
C LYS J 23 8.10 -9.53 13.45
N ILE J 24 7.34 -10.37 12.78
CA ILE J 24 7.77 -11.74 12.50
C ILE J 24 8.91 -11.73 11.46
N PHE J 25 9.99 -12.45 11.71
CA PHE J 25 11.13 -12.51 10.81
C PHE J 25 10.95 -13.53 9.70
N SER J 26 10.35 -14.66 10.00
CA SER J 26 10.06 -15.65 8.96
C SER J 26 8.80 -16.39 9.29
N TYR J 27 8.14 -16.81 8.22
CA TYR J 27 6.92 -17.60 8.28
C TYR J 27 7.10 -18.86 7.44
N THR J 28 6.74 -19.98 8.04
CA THR J 28 6.90 -21.30 7.45
C THR J 28 5.62 -22.03 7.61
N GLU J 29 5.16 -22.64 6.53
CA GLU J 29 4.08 -23.64 6.74
C GLU J 29 4.29 -24.91 5.94
N SER J 30 3.65 -25.99 6.41
CA SER J 30 3.83 -27.33 5.87
C SER J 30 2.47 -28.01 5.68
N LEU J 31 2.35 -28.73 4.59
CA LEU J 31 1.16 -29.56 4.31
C LEU J 31 1.54 -31.05 4.32
N ALA J 32 2.80 -31.34 4.65
CA ALA J 32 3.28 -32.76 4.74
C ALA J 32 2.49 -33.53 5.80
N GLY J 33 2.18 -34.79 5.50
CA GLY J 33 1.38 -35.58 6.44
C GLY J 33 2.01 -35.74 7.80
N LYS J 34 1.20 -35.50 8.83
CA LYS J 34 1.58 -35.45 10.26
C LYS J 34 2.44 -34.24 10.68
N ARG J 35 2.79 -33.38 9.73
CA ARG J 35 3.52 -32.13 9.99
C ARG J 35 2.74 -30.94 9.42
N GLU J 36 1.42 -30.93 9.62
CA GLU J 36 0.57 -29.84 9.06
C GLU J 36 0.57 -28.72 10.08
N MET J 37 1.61 -27.90 9.99
CA MET J 37 1.94 -26.95 11.06
C MET J 37 2.47 -25.67 10.46
N ALA J 38 2.57 -24.64 11.29
CA ALA J 38 3.33 -23.47 10.95
C ALA J 38 4.44 -23.22 11.97
N ILE J 39 5.46 -22.54 11.50
CA ILE J 39 6.58 -22.11 12.36
C ILE J 39 6.91 -20.65 12.05
N ILE J 40 6.98 -19.81 13.10
CA ILE J 40 7.51 -18.46 12.92
C ILE J 40 8.78 -18.27 13.72
N THR J 41 9.59 -17.31 13.29
CA THR J 41 10.80 -16.91 13.98
C THR J 41 10.84 -15.39 14.09
N PHE J 42 11.59 -14.92 15.08
CA PHE J 42 11.89 -13.51 15.32
C PHE J 42 13.39 -13.29 15.18
N LYS J 43 13.76 -12.04 14.88
CA LYS J 43 15.16 -11.62 14.68
C LYS J 43 16.07 -12.05 15.83
N ASN J 44 15.54 -12.07 17.03
CA ASN J 44 16.29 -12.49 18.22
C ASN J 44 16.54 -14.00 18.31
N GLY J 45 16.10 -14.76 17.29
CA GLY J 45 16.23 -16.20 17.17
C GLY J 45 15.13 -16.99 17.86
N ALA J 46 14.14 -16.35 18.45
CA ALA J 46 13.03 -17.11 19.06
C ALA J 46 12.29 -17.81 17.97
N ILE J 47 11.87 -19.07 18.23
CA ILE J 47 11.11 -19.89 17.26
C ILE J 47 9.85 -20.34 17.93
N PHE J 48 8.72 -20.30 17.22
CA PHE J 48 7.46 -20.76 17.79
C PHE J 48 6.68 -21.52 16.76
N GLN J 49 5.80 -22.41 17.21
CA GLN J 49 5.05 -23.19 16.25
C GLN J 49 3.57 -22.99 16.47
N VAL J 50 2.76 -23.19 15.42
CA VAL J 50 1.37 -23.58 15.62
C VAL J 50 1.32 -25.10 15.41
N GLU J 51 0.94 -25.81 16.45
CA GLU J 51 1.02 -27.26 16.50
C GLU J 51 0.13 -27.93 15.47
N VAL J 52 0.51 -29.12 15.07
CA VAL J 52 -0.33 -29.99 14.25
C VAL J 52 -1.51 -30.34 15.13
N PRO J 53 -2.72 -30.32 14.60
CA PRO J 53 -3.86 -30.65 15.45
C PRO J 53 -3.75 -32.10 15.95
N GLY J 54 -4.09 -32.36 17.21
CA GLY J 54 -3.76 -33.64 17.82
C GLY J 54 -4.52 -33.82 19.11
N SER J 55 -4.12 -34.84 19.87
CA SER J 55 -4.87 -35.22 21.08
C SER J 55 -4.73 -34.24 22.20
N GLN J 56 -3.70 -33.39 22.15
CA GLN J 56 -3.60 -32.28 23.09
C GLN J 56 -4.65 -31.15 22.85
N HIS J 57 -5.53 -31.30 21.83
CA HIS J 57 -6.51 -30.28 21.44
C HIS J 57 -7.89 -30.83 21.55
N ILE J 58 -8.81 -29.98 21.99
CA ILE J 58 -10.22 -30.30 21.92
C ILE J 58 -10.80 -29.83 20.59
N ASP J 59 -11.99 -30.35 20.28
CA ASP J 59 -12.62 -30.09 19.01
C ASP J 59 -12.82 -28.58 18.70
N SER J 60 -13.27 -27.80 19.71
CA SER J 60 -13.51 -26.37 19.53
C SER J 60 -12.25 -25.60 19.15
N GLN J 61 -11.08 -26.16 19.37
CA GLN J 61 -9.84 -25.49 19.02
C GLN J 61 -9.47 -25.61 17.55
N LYS J 62 -10.10 -26.51 16.82
CA LYS J 62 -9.66 -26.76 15.44
C LYS J 62 -9.81 -25.51 14.55
N LYS J 63 -10.96 -24.85 14.65
CA LYS J 63 -11.21 -23.64 13.91
C LYS J 63 -10.25 -22.53 14.31
N ALA J 64 -9.93 -22.49 15.61
CA ALA J 64 -9.02 -21.41 16.11
C ALA J 64 -7.58 -21.65 15.68
N ILE J 65 -7.14 -22.91 15.59
CA ILE J 65 -5.83 -23.27 15.08
C ILE J 65 -5.70 -22.81 13.62
N GLU J 66 -6.73 -23.04 12.82
CA GLU J 66 -6.71 -22.60 11.44
C GLU J 66 -6.66 -21.06 11.38
N ARG J 67 -7.47 -20.40 12.21
CA ARG J 67 -7.44 -18.90 12.26
C ARG J 67 -6.07 -18.40 12.65
N MET J 68 -5.45 -19.04 13.65
CA MET J 68 -4.10 -18.60 14.07
C MET J 68 -3.06 -18.60 12.97
N LYS J 69 -3.01 -19.66 12.18
CA LYS J 69 -2.11 -19.72 11.04
C LYS J 69 -2.43 -18.58 10.01
N ASP J 70 -3.71 -18.32 9.78
CA ASP J 70 -4.12 -17.19 8.92
C ASP J 70 -3.61 -15.87 9.50
N THR J 71 -3.79 -15.73 10.82
CA THR J 71 -3.33 -14.49 11.48
C THR J 71 -1.83 -14.32 11.39
N LEU J 72 -1.08 -15.39 11.60
CA LEU J 72 0.37 -15.29 11.53
C LEU J 72 0.85 -14.96 10.14
N ARG J 73 0.21 -15.53 9.14
CA ARG J 73 0.60 -15.28 7.76
C ARG J 73 0.37 -13.83 7.40
N ILE J 74 -0.83 -13.32 7.70
CA ILE J 74 -1.15 -11.92 7.32
C ILE J 74 -0.31 -10.94 8.16
N ALA J 75 -0.07 -11.29 9.43
CA ALA J 75 0.81 -10.48 10.28
C ALA J 75 2.19 -10.38 9.67
N TYR J 76 2.74 -11.52 9.25
CA TYR J 76 4.04 -11.55 8.62
C TYR J 76 4.03 -10.64 7.37
N LEU J 77 3.04 -10.84 6.50
CA LEU J 77 2.99 -10.11 5.25
C LEU J 77 2.74 -8.61 5.41
N THR J 78 2.16 -8.19 6.52
CA THR J 78 1.92 -6.79 6.80
C THR J 78 3.02 -6.19 7.67
N GLU J 79 4.01 -7.00 8.08
CA GLU J 79 5.02 -6.54 9.01
C GLU J 79 4.41 -6.02 10.31
N ALA J 80 3.35 -6.67 10.76
CA ALA J 80 2.65 -6.25 11.95
C ALA J 80 3.48 -6.54 13.21
N LYS J 81 3.57 -5.59 14.11
CA LYS J 81 4.28 -5.80 15.37
C LYS J 81 3.49 -6.80 16.22
N VAL J 82 4.18 -7.87 16.59
CA VAL J 82 3.68 -8.79 17.61
C VAL J 82 4.10 -8.23 18.96
N GLU J 83 3.12 -8.01 19.83
CA GLU J 83 3.40 -7.56 21.19
C GLU J 83 3.81 -8.79 22.05
N LYS J 84 2.84 -9.64 22.36
CA LYS J 84 3.05 -10.82 23.15
C LYS J 84 2.58 -12.10 22.47
N LEU J 85 3.20 -13.21 22.88
CA LEU J 85 2.74 -14.57 22.56
C LEU J 85 2.55 -15.29 23.88
N CYS J 86 1.42 -15.98 24.01
CA CYS J 86 1.22 -16.94 25.07
C CYS J 86 1.57 -18.29 24.48
N VAL J 87 2.55 -18.99 25.06
CA VAL J 87 3.00 -20.26 24.51
C VAL J 87 3.07 -21.36 25.56
N TRP J 88 2.95 -22.59 25.09
CA TRP J 88 3.21 -23.79 25.86
C TRP J 88 4.70 -24.07 25.74
N ASN J 89 5.39 -23.94 26.85
CA ASN J 89 6.85 -23.99 26.89
C ASN J 89 7.40 -25.40 27.18
N ASN J 90 6.53 -26.39 27.19
CA ASN J 90 6.97 -27.77 27.23
C ASN J 90 7.14 -28.38 25.84
N LYS J 91 6.78 -27.65 24.77
CA LYS J 91 6.95 -28.11 23.40
C LYS J 91 8.16 -27.49 22.84
N THR J 92 8.78 -28.18 21.86
CA THR J 92 9.92 -27.63 21.13
C THR J 92 9.61 -27.69 19.63
N PRO J 93 9.55 -26.56 18.94
CA PRO J 93 9.51 -25.20 19.53
C PRO J 93 8.31 -24.93 20.42
N HIS J 94 8.41 -23.87 21.22
CA HIS J 94 7.27 -23.47 22.02
C HIS J 94 6.06 -23.23 21.15
N ALA J 95 4.93 -23.70 21.64
CA ALA J 95 3.70 -23.76 20.85
C ALA J 95 2.77 -22.61 21.19
N ILE J 96 2.29 -21.95 20.16
CA ILE J 96 1.40 -20.76 20.33
C ILE J 96 0.01 -21.12 20.83
N ALA J 97 -0.39 -20.45 21.91
CA ALA J 97 -1.77 -20.52 22.48
C ALA J 97 -2.55 -19.22 22.15
N ALA J 98 -1.87 -18.09 22.13
CA ALA J 98 -2.49 -16.79 21.84
C ALA J 98 -1.46 -15.77 21.43
N ILE J 99 -1.95 -14.74 20.76
CA ILE J 99 -1.14 -13.65 20.24
C ILE J 99 -1.81 -12.32 20.50
N SER J 100 -0.99 -11.30 20.78
CA SER J 100 -1.46 -9.91 20.81
C SER J 100 -0.58 -9.09 19.91
N MET J 101 -1.23 -8.20 19.14
CA MET J 101 -0.58 -7.23 18.28
C MET J 101 -0.99 -5.82 18.70
N ALA J 102 -0.01 -4.91 18.76
CA ALA J 102 -0.28 -3.53 19.10
C ALA J 102 0.89 -2.80 18.50
N ASN J 103 0.66 -1.59 18.02
CA ASN J 103 1.80 -0.75 17.61
C ASN J 103 1.53 0.75 17.73
C1 NDG K . -14.80 16.53 -25.52
C2 NDG K . -13.61 17.49 -25.39
C3 NDG K . -13.81 18.45 -24.23
C4 NDG K . -15.17 19.09 -24.35
C5 NDG K . -16.32 18.05 -24.51
C6 NDG K . -17.62 18.74 -24.81
C7 NDG K . -11.80 16.07 -26.11
C8 NDG K . -10.74 15.05 -25.69
O5 NDG K . -16.03 17.23 -25.64
O3 NDG K . -12.83 19.55 -24.28
O4 NDG K . -15.33 19.86 -23.18
O6 NDG K . -18.63 17.72 -24.68
O7 NDG K . -11.96 16.35 -27.29
N2 NDG K . -12.50 16.61 -25.11
O1 NDG K . -14.85 15.68 -24.35
C1 GAL K . -15.85 21.18 -23.41
C2 GAL K . -16.50 21.64 -22.17
C3 GAL K . -17.01 23.03 -22.39
C4 GAL K . -15.88 23.96 -22.82
C5 GAL K . -15.25 23.41 -24.06
C6 GAL K . -14.07 24.28 -24.42
O2 GAL K . -17.66 20.80 -21.93
O3 GAL K . -17.62 23.44 -21.11
O4 GAL K . -14.92 24.09 -21.71
O5 GAL K . -14.80 22.06 -23.83
O6 GAL K . -13.70 23.86 -25.71
C1 FUC K . -17.97 20.43 -20.55
C2 FUC K . -19.36 19.72 -20.50
C3 FUC K . -19.27 18.33 -21.15
C4 FUC K . -18.10 17.49 -20.56
C5 FUC K . -16.79 18.26 -20.72
C6 FUC K . -15.63 17.49 -20.11
O2 FUC K . -20.33 20.52 -21.22
O3 FUC K . -20.48 17.60 -20.96
O4 FUC K . -18.39 17.25 -19.17
O5 FUC K . -16.89 19.52 -20.04
O5 A2G K . -19.01 25.01 -22.44
C1 A2G K . -18.26 24.76 -21.17
C2 A2G K . -19.21 24.90 -19.96
N2 A2G K . -18.53 24.62 -18.68
C3 A2G K . -20.40 23.97 -20.08
O3 A2G K . -21.32 24.25 -18.98
C4 A2G K . -21.12 24.23 -21.39
O4 A2G K . -21.63 25.56 -21.34
C5 A2G K . -20.15 24.09 -22.59
C6 A2G K . -20.88 24.33 -23.91
O6 A2G K . -21.66 23.11 -24.11
C7 A2G K . -18.02 25.59 -17.89
O7 A2G K . -17.47 25.34 -16.80
C8 A2G K . -18.10 27.03 -18.41
C1 FUC K . -11.57 19.41 -23.52
C2 FUC K . -10.51 20.37 -24.13
C3 FUC K . -10.98 21.78 -23.96
C4 FUC K . -11.25 22.06 -22.47
C5 FUC K . -12.23 21.03 -21.87
C6 FUC K . -12.41 21.24 -20.40
O2 FUC K . -10.35 20.05 -25.51
O3 FUC K . -9.97 22.67 -24.47
O4 FUC K . -10.00 22.11 -21.69
O5 FUC K . -11.81 19.71 -22.14
C1 NDG L . -32.85 8.88 2.06
C2 NDG L . -33.02 7.39 2.37
C3 NDG L . -33.03 6.54 1.07
C4 NDG L . -34.00 7.15 0.01
C5 NDG L . -33.78 8.70 -0.13
C6 NDG L . -34.81 9.44 -0.98
C7 NDG L . -31.94 7.36 4.58
C8 NDG L . -30.67 7.12 5.38
O5 NDG L . -33.84 9.33 1.15
O3 NDG L . -33.55 5.22 1.36
O4 NDG L . -33.78 6.51 -1.27
O6 NDG L . -36.10 9.09 -0.49
O7 NDG L . -32.98 7.64 5.18
N2 NDG L . -31.86 7.13 3.25
O1 NDG L . -31.53 9.15 1.52
C1 GAL L . -34.95 6.14 -1.94
C1 GAL L . -34.91 6.13 -1.97
C2 GAL L . -34.55 5.83 -3.38
C2 GAL L . -34.54 5.86 -3.40
C3 GAL L . -35.74 5.25 -4.11
C3 GAL L . -35.75 5.34 -4.15
C4 GAL L . -36.27 4.00 -3.36
C4 GAL L . -36.30 4.12 -3.43
C5 GAL L . -36.65 4.46 -1.93
C5 GAL L . -36.65 4.57 -2.02
C6 GAL L . -37.18 3.35 -1.02
C6 GAL L . -37.38 3.48 -1.23
O2 GAL L . -34.12 7.08 -4.01
O2 GAL L . -34.07 7.11 -3.98
O3 GAL L . -35.36 4.98 -5.50
O3 GAL L . -35.37 5.01 -5.48
O4 GAL L . -35.24 2.99 -3.36
O4 GAL L . -35.31 3.07 -3.40
O5 GAL L . -35.52 5.00 -1.27
O5 GAL L . -35.46 4.95 -1.35
O6 GAL L . -38.30 2.85 -1.75
O6 GAL L . -37.57 3.95 0.10
C1 FUC L . -32.94 6.99 -4.85
C1 FUC L . -32.94 6.96 -4.85
C2 FUC L . -32.87 8.29 -5.65
C2 FUC L . -32.87 8.21 -5.69
C3 FUC L . -32.62 9.48 -4.75
C3 FUC L . -32.67 9.42 -4.79
C4 FUC L . -31.36 9.23 -3.90
C4 FUC L . -31.45 9.16 -3.91
C5 FUC L . -31.52 7.92 -3.14
C5 FUC L . -31.73 7.89 -3.13
C6 FUC L . -30.25 7.61 -2.34
C6 FUC L . -30.66 7.67 -2.08
O2 FUC L . -34.11 8.43 -6.34
O2 FUC L . -34.11 8.32 -6.40
O3 FUC L . -32.40 10.68 -5.52
O3 FUC L . -32.42 10.61 -5.58
O4 FUC L . -30.19 9.18 -4.72
O4 FUC L . -30.31 9.00 -4.74
O5 FUC L . -31.76 6.88 -4.04
O5 FUC L . -31.76 6.83 -4.05
O5 A2G L . -37.83 4.74 -6.18
O5 A2G L . -37.82 4.81 -5.47
C1 A2G L . -36.40 4.41 -6.43
C1 A2G L . -36.54 4.44 -6.12
C2 A2G L . -36.09 4.79 -7.88
C2 A2G L . -36.53 4.82 -7.60
N2 A2G L . -34.71 4.42 -8.29
N2 A2G L . -35.22 4.51 -8.17
C3 A2G L . -36.31 6.26 -8.13
C3 A2G L . -36.88 6.29 -7.82
O3 A2G L . -36.00 6.55 -9.53
O3 A2G L . -37.00 6.56 -9.26
C4 A2G L . -37.79 6.62 -7.76
C4 A2G L . -38.20 6.56 -7.10
O4 A2G L . -38.68 5.90 -8.64
O4 A2G L . -39.22 5.68 -7.64
C5 A2G L . -38.07 6.21 -6.30
C5 A2G L . -38.06 6.25 -5.61
C6 A2G L . -39.46 6.63 -5.78
C6 A2G L . -39.26 6.77 -4.78
O6 A2G L . -39.27 7.03 -4.38
O6 A2G L . -40.49 6.71 -5.52
C7 A2G L . -34.52 3.22 -8.85
C7 A2G L . -35.10 3.33 -8.77
O7 A2G L . -35.42 2.38 -8.97
O7 A2G L . -36.06 2.56 -8.85
C8 A2G L . -33.08 2.89 -9.31
C8 A2G L . -33.73 3.01 -9.38
C1 FUC L . -32.61 4.17 1.65
C1 FUC L . -32.61 4.22 1.65
C2 FUC L . -33.41 2.96 2.24
C2 FUC L . -33.32 3.05 2.32
C3 FUC L . -34.33 2.38 1.19
C3 FUC L . -34.32 2.50 1.36
C4 FUC L . -33.54 1.97 -0.01
C4 FUC L . -33.61 2.05 0.11
C5 FUC L . -32.69 3.19 -0.54
C5 FUC L . -32.79 3.26 -0.45
C6 FUC L . -31.80 2.77 -1.71
C6 FUC L . -31.99 2.84 -1.68
O2 FUC L . -34.15 3.43 3.33
O2 FUC L . -33.97 3.58 3.45
O3 FUC L . -35.06 1.19 1.69
O3 FUC L . -35.01 1.37 1.96
O4 FUC L . -32.68 0.84 0.33
O4 FUC L . -32.74 0.95 0.44
O5 FUC L . -31.88 3.78 0.49
O5 FUC L . -31.89 3.77 0.52
C1 NDG M . 18.57 -19.70 20.00
C2 NDG M . 17.27 -20.53 19.79
C3 NDG M . 16.16 -20.08 20.77
C4 NDG M . 16.72 -19.86 22.21
C5 NDG M . 18.00 -18.99 22.22
C6 NDG M . 18.55 -18.82 23.64
C7 NDG M . 17.58 -20.98 17.37
C8 NDG M . 17.21 -20.53 15.93
O5 NDG M . 18.96 -19.66 21.39
O3 NDG M . 15.20 -21.14 20.94
O4 NDG M . 15.70 -19.25 23.03
O6 NDG M . 19.99 -18.74 23.50
O7 NDG M . 18.39 -21.91 17.55
N2 NDG M . 16.94 -20.31 18.38
O1 NDG M . 18.36 -18.34 19.48
C1 GAL M . 15.58 -19.82 24.38
C2 GAL M . 14.84 -18.82 25.18
C3 GAL M . 14.48 -19.37 26.52
C4 GAL M . 13.74 -20.71 26.40
C5 GAL M . 14.67 -21.66 25.63
C6 GAL M . 14.08 -23.03 25.39
O2 GAL M . 15.71 -17.69 25.39
O3 GAL M . 13.70 -18.39 27.24
O4 GAL M . 12.47 -20.49 25.72
O5 GAL M . 14.93 -21.10 24.36
O6 GAL M . 13.63 -23.50 26.69
C1 FUC M . 15.05 -16.37 25.38
C2 FUC M . 16.06 -15.34 25.93
C3 FUC M . 17.18 -15.07 24.92
C4 FUC M . 16.62 -14.78 23.50
C5 FUC M . 15.70 -15.92 23.11
C6 FUC M . 15.15 -15.69 21.72
O2 FUC M . 16.59 -15.87 27.15
O3 FUC M . 17.89 -13.92 25.34
O4 FUC M . 15.85 -13.57 23.55
O5 FUC M . 14.60 -16.00 24.05
O5 A2G M . 14.59 -19.43 29.30
C1 A2G M . 13.44 -18.72 28.65
C2 A2G M . 13.09 -17.46 29.40
N2 A2G M . 12.08 -16.62 28.69
C3 A2G M . 14.34 -16.57 29.70
O3 A2G M . 13.95 -15.55 30.61
C4 A2G M . 15.46 -17.39 30.37
O4 A2G M . 15.01 -17.84 31.66
C5 A2G M . 15.81 -18.59 29.46
C6 A2G M . 16.98 -19.40 30.05
O6 A2G M . 17.45 -20.22 28.96
C7 A2G M . 10.81 -16.68 29.12
O7 A2G M . 10.44 -17.46 29.99
C8 A2G M . 9.78 -15.72 28.46
C1 FUC M . 13.96 -21.13 20.16
C2 FUC M . 13.40 -22.59 20.18
C3 FUC M . 12.90 -22.97 21.54
C4 FUC M . 11.82 -22.03 21.99
C5 FUC M . 12.35 -20.55 21.92
C6 FUC M . 11.26 -19.53 22.21
O2 FUC M . 14.43 -23.47 19.81
O3 FUC M . 12.35 -24.29 21.43
O4 FUC M . 10.70 -22.28 21.11
O5 FUC M . 12.95 -20.21 20.67
CA CA N . 0.55 0.65 11.99
C1 FUC O . 13.89 13.54 25.99
C2 FUC O . 14.32 15.07 26.07
C3 FUC O . 15.82 15.29 26.26
C4 FUC O . 16.56 14.50 25.25
C5 FUC O . 16.17 13.02 25.51
C6 FUC O . 17.06 12.03 24.78
O1 FUC O . 13.67 12.86 27.24
O2 FUC O . 13.61 15.89 27.03
O3 FUC O . 16.21 16.64 26.01
O4 FUC O . 16.22 15.19 23.98
O5 FUC O . 14.79 12.73 25.21
N1 BCN P . 0.39 6.69 9.11
C1 BCN P . -0.69 7.58 9.61
C2 BCN P . -1.53 7.44 10.83
O21 BCN P . -1.64 6.37 11.42
O22 BCN P . -2.14 8.49 11.13
C3 BCN P . 1.66 6.41 9.81
C4 BCN P . 1.81 6.88 11.24
O4 BCN P . 1.34 5.80 12.10
C5 BCN P . 0.02 5.92 7.91
C6 BCN P . 0.27 4.45 7.94
O6 BCN P . -0.49 3.92 8.98
CA CA Q . -0.33 4.36 11.18
N1 BCN R . -0.22 -2.21 11.05
C1 BCN R . 1.02 -2.73 11.70
C2 BCN R . 1.75 -2.19 12.91
O21 BCN R . 2.26 -3.05 13.70
O22 BCN R . 1.86 -0.96 13.05
C3 BCN R . -1.45 -1.87 11.76
C4 BCN R . -1.47 -1.54 13.21
O4 BCN R . -1.14 -0.13 13.32
C5 BCN R . -0.13 -1.83 9.61
C6 BCN R . 0.85 -0.73 9.29
O6 BCN R . 0.42 0.38 10.06
N1 BCN S . 9.99 -0.37 5.34
C1 BCN S . 10.04 -0.11 6.81
C2 BCN S . 10.50 -1.09 7.86
O21 BCN S . 10.40 -2.33 7.77
O22 BCN S . 11.00 -0.56 8.88
C3 BCN S . 11.16 -0.66 4.53
C4 BCN S . 12.38 -1.32 5.11
O4 BCN S . 12.14 -2.72 5.09
C5 BCN S . 8.64 -0.42 4.77
C6 BCN S . 7.69 -1.41 5.37
O6 BCN S . 8.12 -2.56 4.66
CA CA T . 9.09 -6.72 3.72
N1 BCN U . 6.70 -8.62 2.98
C1 BCN U . 7.52 -9.26 1.93
C2 BCN U . 9.00 -9.35 1.88
O21 BCN U . 9.43 -10.38 1.29
O22 BCN U . 9.72 -8.42 2.30
C3 BCN U . 6.77 -8.91 4.43
C4 BCN U . 8.01 -9.49 5.07
O4 BCN U . 8.83 -8.39 5.49
C5 BCN U . 5.87 -7.46 2.59
C6 BCN U . 6.30 -6.07 2.94
O6 BCN U . 7.62 -5.84 2.45
CA CA V . 9.88 -3.44 5.75
N1 BCN W . 8.49 -2.60 -6.90
C1 BCN W . 9.75 -2.96 -6.21
C2 BCN W . 10.42 -4.22 -6.74
O21 BCN W . 9.73 -5.08 -7.28
O22 BCN W . 11.65 -4.41 -6.55
C3 BCN W . 7.53 -2.01 -5.93
C4 BCN W . 6.69 -3.08 -5.27
O4 BCN W . 6.23 -4.00 -6.30
C5 BCN W . 8.75 -1.70 -8.04
C6 BCN W . 9.28 -2.46 -9.23
O6 BCN W . 8.41 -3.53 -9.58
CA CA X . 3.97 -6.37 -9.25
N1 BCN Y . 1.56 -7.33 -8.28
C1 BCN Y . 0.55 -7.31 -9.39
C2 BCN Y . 1.20 -7.24 -10.75
O21 BCN Y . 0.58 -7.63 -11.75
O22 BCN Y . 2.34 -6.79 -10.87
C3 BCN Y . 1.10 -6.51 -7.14
C4 BCN Y . 2.24 -5.66 -6.64
O4 BCN Y . 2.86 -5.12 -7.81
C5 BCN Y . 1.86 -8.68 -7.83
C6 BCN Y . 2.77 -9.40 -8.77
O6 BCN Y . 3.94 -8.64 -9.09
CA CA Z . 7.39 -4.91 -7.90
N1 BCN AA . -1.94 3.91 -10.63
C1 BCN AA . -1.24 3.20 -11.75
C2 BCN AA . -1.84 2.37 -12.83
O21 BCN AA . -2.94 1.80 -12.66
O22 BCN AA . -1.07 2.24 -13.84
C3 BCN AA . -2.95 4.92 -10.84
C4 BCN AA . -3.63 5.09 -12.16
O4 BCN AA . -4.73 4.20 -12.12
C5 BCN AA . -1.69 3.41 -9.27
C6 BCN AA . -1.95 1.97 -8.99
O6 BCN AA . -3.35 1.72 -9.06
CA CA BA . -7.84 1.40 -9.09
N1 BCN CA . -9.06 -0.50 -7.47
C1 BCN CA . -10.33 0.05 -6.96
C2 BCN CA . -10.87 1.20 -7.79
O21 BCN CA . -12.07 1.41 -7.66
O22 BCN CA . -10.11 1.87 -8.50
C3 BCN CA . -8.20 -0.79 -6.33
C4 BCN CA . -7.41 0.43 -5.94
O4 BCN CA . -6.73 0.96 -7.10
C5 BCN CA . -9.19 -1.69 -8.33
C6 BCN CA . -9.69 -1.37 -9.72
O6 BCN CA . -8.87 -0.35 -10.33
CA CA DA . -4.43 2.08 -10.98
N1 BCN EA . -6.90 9.26 -0.73
C1 BCN EA . -7.70 9.36 -1.97
C2 BCN EA . -9.20 9.53 -2.00
O21 BCN EA . -9.65 10.27 -2.92
O22 BCN EA . -9.89 8.94 -1.14
C3 BCN EA . -6.89 10.32 0.29
C4 BCN EA . -8.12 11.05 0.74
O4 BCN EA . -8.90 10.11 1.46
C5 BCN EA . -6.10 8.04 -0.42
C6 BCN EA . -6.70 6.69 -0.58
O6 BCN EA . -7.83 6.67 0.30
CA CA FA . -9.92 5.66 3.96
N1 BCN GA . -10.01 3.06 4.80
C1 BCN GA . -10.07 2.97 6.29
C2 BCN GA . -10.45 4.26 6.93
O21 BCN GA . -10.30 5.30 6.27
O22 BCN GA . -10.93 4.28 8.09
C3 BCN GA . -8.78 2.41 4.26
C4 BCN GA . -7.65 3.41 4.15
O4 BCN GA . -8.09 4.52 3.35
C5 BCN GA . -11.21 2.48 4.20
C6 BCN GA . -12.41 3.41 4.22
O6 BCN GA . -12.08 4.73 3.71
CA CA HA . -9.24 7.84 0.79
C1 FUC IA . -13.32 -1.89 29.72
C2 FUC IA . -13.76 -3.25 30.29
C3 FUC IA . -15.28 -3.26 30.51
C4 FUC IA . -15.95 -2.96 29.18
C5 FUC IA . -15.46 -1.59 28.65
C6 FUC IA . -15.97 -1.27 27.27
O1 FUC IA . -13.53 -0.86 30.70
O2 FUC IA . -13.07 -3.51 31.54
O3 FUC IA . -15.77 -4.53 31.01
O4 FUC IA . -15.62 -4.10 28.36
O5 FUC IA . -14.04 -1.49 28.53
OH2 1PE JA . -14.24 -25.00 34.99
C12 1PE JA . -14.08 -25.86 33.85
C22 1PE JA . -13.18 -27.04 34.18
OH3 1PE JA . -11.85 -26.75 33.74
C13 1PE JA . -9.56 -27.28 33.82
C23 1PE JA . -10.96 -27.84 33.83
OH4 1PE JA . -9.30 -26.62 32.56
C14 1PE JA . -7.86 -25.15 31.28
C24 1PE JA . -8.20 -25.70 32.66
OH5 1PE JA . -8.87 -24.25 30.90
C15 1PE JA . -9.76 -22.07 30.65
C25 1PE JA . -8.72 -22.92 31.34
OH6 1PE JA . -10.97 -22.51 31.21
C16 1PE JA . -13.35 -22.35 31.36
C26 1PE JA . -12.07 -21.66 30.94
OH7 1PE JA . -14.02 -21.50 32.30
C1 NAG KA . -33.19 8.76 1.95
C2 NAG KA . -33.27 7.29 2.31
C3 NAG KA . -33.17 6.46 1.03
C4 NAG KA . -34.08 7.07 -0.05
C5 NAG KA . -33.95 8.61 -0.10
C6 NAG KA . -34.85 9.29 -1.12
C7 NAG KA . -32.35 6.87 4.50
C8 NAG KA . -31.10 6.85 5.34
N2 NAG KA . -32.13 7.13 3.21
O1 NAG KA . -33.04 9.56 3.14
O3 NAG KA . -33.64 5.12 1.25
O4 NAG KA . -33.74 6.52 -1.32
O5 NAG KA . -34.32 9.11 1.17
O6 NAG KA . -36.19 8.81 -0.84
O7 NAG KA . -33.47 6.62 4.96
C1 FUC LA . -17.07 -11.47 -25.12
C2 FUC LA . -18.29 -12.42 -24.98
C3 FUC LA . -18.04 -13.78 -25.61
C4 FUC LA . -16.75 -14.36 -25.05
C5 FUC LA . -15.56 -13.42 -25.30
C6 FUC LA . -14.27 -13.88 -24.64
O1 FUC LA . -17.07 -10.87 -26.44
O2 FUC LA . -19.46 -11.84 -25.55
O3 FUC LA . -19.11 -14.68 -25.34
O4 FUC LA . -17.04 -14.58 -23.67
O5 FUC LA . -15.78 -12.09 -24.82
C1 FUC MA . 11.00 -27.52 -13.58
C2 FUC MA . 10.12 -28.80 -13.53
C3 FUC MA . 10.73 -29.89 -12.64
C4 FUC MA . 11.05 -29.28 -11.27
C5 FUC MA . 11.88 -28.02 -11.34
C6 FUC MA . 11.99 -27.39 -9.96
O1 FUC MA . 12.22 -27.74 -14.34
O2 FUC MA . 9.87 -29.25 -14.89
O3 FUC MA . 9.90 -31.03 -12.34
O4 FUC MA . 9.78 -29.03 -10.66
O5 FUC MA . 11.36 -27.04 -12.24
#